data_9IHL
#
_entry.id   9IHL
#
_cell.length_a   60.994
_cell.length_b   120.879
_cell.length_c   149.438
_cell.angle_alpha   90
_cell.angle_beta   90
_cell.angle_gamma   90
#
_symmetry.space_group_name_H-M   'P 21 21 21'
#
loop_
_entity.id
_entity.type
_entity.pdbx_description
1 polymer 'Myosin-9,Alpha-actinin A'
2 water water
#
_entity_poly.entity_id   1
_entity_poly.type   'polypeptide(L)'
_entity_poly.pdbx_seq_one_letter_code
;MAQQAADKYLYVDKNFINNPLAQADWAAKKLVWVPSDKSGFEPASLKEEVGEEAIVELVENGKKVKVNKDDIQKMNPPKF
SKVEDMAELTCLNEASVLHNLKERYYSGLIYTYSGLFCVVINPYKNLPIYSEEIVEMYKGKKRHEMPPHIYAITDTAYRS
MMQDREDQSILCTGESGAGKTENTKKVIQYLAYVASSHKSKKDQGELERQLLQANPILEAFGNAKTVKNDNSSRFGKFIR
INFDVNGYIVGANIETYLLEKSRAIRQAKEERTFHIFYYLLSGAGEHLKTDLLLEPYNKYRFLSNGHVTIPGQQDKDMFQ
ETMEAMRIMGIPEEEQMGLLRVISGVLQLGNIVFKKERNTDQASMPDNTAAQKVSHLLGINVTDFTRGILTPRIKVGRDY
VQKAQTKEQADFAIEALAKATYERMFRWLVLRINKALDKTKRQGASFIGILDIAGFEIFDLNSFEQLCINYTNEKLQQLF
NHTMFILEQEEYQREGIEWNFIDFGLDLQPCIDLIEKPAGPPGILALLDEECWFPKATDKSFVEKVMQEQGTHPKFQKPK
QLKDKADFCIIHYAGKVDYKADEWLMKNMDPLNDNIATLLHQSSDKFVSELWKDVDRIIGLDQVAGMSETALPGAFKTRK
GMFRTVGQLYKEQLAKLMATLRNTNPNFVRCIIPNHEKKAGKLDPHLVLDQLRCNGVLEGIRICRQGFPNRVVFQEFRQR
YEILTPNSIPKGFMDGKQACVLMIKALELDSNLYRIGQSKVFFRAGVLAHLEEERASEQTKSDYLKRANELVQWINDKQA
SLESRDFGDSIESVQSFMNAHKEYKKTEKPPKGQEVSELEAIYNSLQTKLRLIKREPFVAPAGLTPNEIDSTWSALEKAE
QEHAEALRIELKRQKKIAVLLQKYNRILKKLENWATTKSVYLGSNETGDSITAVQAKLKNLEAFDGECQSLEGQSNSDLL
SILAQLTELNYNGVPELTERKDTFFAQQWTGVKSSAETYKNTLLAELERLQKIEDALHHHHHHHH
;
_entity_poly.pdbx_strand_id   A
#
# COMPACT_ATOMS: atom_id res chain seq x y z
N ALA A 24 9.24 12.01 9.81
CA ALA A 24 9.56 13.42 9.93
C ALA A 24 10.59 13.86 8.89
N ASP A 25 11.81 13.34 9.01
CA ASP A 25 12.89 13.70 8.12
C ASP A 25 12.91 12.77 6.91
N TRP A 26 11.73 12.31 6.49
CA TRP A 26 11.63 11.38 5.39
C TRP A 26 12.12 12.00 4.08
N ALA A 27 11.90 13.30 3.89
CA ALA A 27 12.32 13.96 2.65
C ALA A 27 13.83 14.12 2.57
N ALA A 28 14.53 14.00 3.69
CA ALA A 28 15.98 14.10 3.70
C ALA A 28 16.68 12.77 3.45
N LYS A 29 15.96 11.66 3.48
CA LYS A 29 16.55 10.34 3.26
C LYS A 29 16.59 9.93 1.80
N LYS A 30 15.88 10.64 0.93
CA LYS A 30 15.82 10.31 -0.50
C LYS A 30 15.43 8.85 -0.72
N LEU A 31 14.31 8.47 -0.13
CA LEU A 31 13.83 7.10 -0.17
C LEU A 31 13.24 6.76 -1.53
N VAL A 32 13.63 5.59 -2.05
CA VAL A 32 13.12 5.07 -3.32
C VAL A 32 12.79 3.58 -3.13
N TRP A 33 12.24 2.99 -4.18
CA TRP A 33 11.98 1.55 -4.24
C TRP A 33 13.04 0.87 -5.08
N VAL A 34 13.64 -0.18 -4.54
CA VAL A 34 14.56 -1.03 -5.30
C VAL A 34 14.05 -2.46 -5.24
N PRO A 35 14.34 -3.30 -6.23
CA PRO A 35 13.85 -4.69 -6.20
C PRO A 35 14.41 -5.46 -5.02
N SER A 36 13.59 -6.38 -4.51
CA SER A 36 13.96 -7.23 -3.37
C SER A 36 13.52 -8.65 -3.67
N ASP A 37 14.43 -9.60 -3.49
CA ASP A 37 14.08 -11.00 -3.70
C ASP A 37 13.04 -11.47 -2.69
N LYS A 38 13.14 -11.00 -1.44
CA LYS A 38 12.24 -11.47 -0.39
C LYS A 38 10.90 -10.76 -0.44
N SER A 39 10.90 -9.43 -0.52
CA SER A 39 9.69 -8.63 -0.35
C SER A 39 9.27 -7.90 -1.62
N GLY A 40 9.67 -8.40 -2.80
CA GLY A 40 9.33 -7.76 -4.05
C GLY A 40 10.06 -6.45 -4.26
N PHE A 41 9.75 -5.46 -3.43
CA PHE A 41 10.50 -4.22 -3.38
C PHE A 41 10.75 -3.86 -1.92
N GLU A 42 11.75 -3.01 -1.69
CA GLU A 42 12.04 -2.56 -0.34
C GLU A 42 12.55 -1.13 -0.40
N PRO A 43 12.40 -0.36 0.68
CA PRO A 43 12.91 1.01 0.68
C PRO A 43 14.43 1.05 0.64
N ALA A 44 14.96 2.14 0.09
CA ALA A 44 16.40 2.36 0.02
C ALA A 44 16.66 3.86 -0.05
N SER A 45 17.77 4.28 0.55
CA SER A 45 18.19 5.67 0.49
C SER A 45 19.15 5.83 -0.69
N LEU A 46 18.74 6.64 -1.68
CA LEU A 46 19.59 6.91 -2.83
C LEU A 46 20.77 7.78 -2.41
N LYS A 47 21.98 7.25 -2.60
CA LYS A 47 23.20 7.94 -2.19
C LYS A 47 23.93 8.59 -3.36
N GLU A 48 24.15 7.84 -4.44
CA GLU A 48 24.97 8.33 -5.53
C GLU A 48 24.59 7.59 -6.81
N GLU A 49 24.73 8.28 -7.93
CA GLU A 49 24.52 7.68 -9.25
C GLU A 49 25.84 7.61 -10.00
N VAL A 50 26.11 6.47 -10.60
CA VAL A 50 27.33 6.24 -11.37
C VAL A 50 26.88 5.81 -12.77
N GLY A 51 26.73 6.76 -13.66
CA GLY A 51 26.33 6.44 -15.03
C GLY A 51 24.92 5.91 -15.05
N GLU A 52 24.76 4.68 -15.54
CA GLU A 52 23.46 4.03 -15.63
C GLU A 52 23.06 3.33 -14.34
N GLU A 53 23.94 3.31 -13.34
CA GLU A 53 23.70 2.63 -12.08
C GLU A 53 23.67 3.63 -10.94
N ALA A 54 23.10 3.20 -9.81
CA ALA A 54 22.97 4.04 -8.63
C ALA A 54 23.39 3.26 -7.39
N ILE A 55 24.06 3.94 -6.48
CA ILE A 55 24.41 3.38 -5.17
C ILE A 55 23.28 3.76 -4.20
N VAL A 56 22.67 2.76 -3.58
CA VAL A 56 21.60 2.98 -2.61
C VAL A 56 21.93 2.24 -1.33
N GLU A 57 21.35 2.72 -0.23
CA GLU A 57 21.52 2.09 1.08
C GLU A 57 20.19 1.53 1.53
N LEU A 58 20.13 0.21 1.71
CA LEU A 58 18.88 -0.43 2.09
C LEU A 58 18.50 -0.03 3.51
N VAL A 59 17.26 0.42 3.69
CA VAL A 59 16.85 0.93 5.00
C VAL A 59 16.91 -0.16 6.06
N GLU A 60 16.57 -1.39 5.68
CA GLU A 60 16.42 -2.46 6.67
C GLU A 60 17.75 -2.80 7.35
N ASN A 61 18.79 -3.07 6.56
CA ASN A 61 20.06 -3.50 7.11
C ASN A 61 21.21 -2.52 6.85
N GLY A 62 20.95 -1.41 6.17
CA GLY A 62 21.97 -0.39 6.00
C GLY A 62 23.15 -0.76 5.12
N LYS A 63 23.02 -1.81 4.33
CA LYS A 63 24.10 -2.20 3.43
C LYS A 63 23.97 -1.45 2.11
N LYS A 64 25.10 -1.04 1.55
CA LYS A 64 25.14 -0.34 0.28
C LYS A 64 25.19 -1.33 -0.87
N VAL A 65 24.20 -1.25 -1.77
CA VAL A 65 24.18 -2.06 -2.97
C VAL A 65 24.15 -1.13 -4.18
N LYS A 66 24.57 -1.66 -5.32
CA LYS A 66 24.50 -0.95 -6.59
C LYS A 66 23.43 -1.59 -7.46
N VAL A 67 22.51 -0.77 -7.96
CA VAL A 67 21.40 -1.23 -8.78
C VAL A 67 21.33 -0.40 -10.05
N ASN A 68 20.53 -0.87 -11.01
CA ASN A 68 20.33 -0.15 -12.26
C ASN A 68 19.30 0.97 -12.06
N LYS A 69 19.59 2.14 -12.64
CA LYS A 69 18.72 3.30 -12.45
C LYS A 69 17.31 3.06 -12.96
N ASP A 70 17.15 2.24 -14.01
CA ASP A 70 15.80 1.95 -14.49
C ASP A 70 15.10 0.88 -13.67
N ASP A 71 15.81 0.24 -12.72
CA ASP A 71 15.15 -0.64 -11.77
C ASP A 71 14.60 0.10 -10.56
N ILE A 72 15.03 1.34 -10.36
CA ILE A 72 14.56 2.16 -9.24
C ILE A 72 13.20 2.73 -9.59
N GLN A 73 12.27 2.64 -8.64
CA GLN A 73 10.94 3.20 -8.79
C GLN A 73 10.68 4.22 -7.70
N LYS A 74 10.11 5.37 -8.07
CA LYS A 74 9.89 6.43 -7.12
C LYS A 74 8.94 5.96 -6.01
N MET A 75 9.09 6.56 -4.84
CA MET A 75 8.28 6.24 -3.68
C MET A 75 7.32 7.38 -3.39
N ASN A 76 6.12 7.05 -2.95
CA ASN A 76 5.16 8.07 -2.59
C ASN A 76 5.48 8.67 -1.22
N PRO A 77 5.13 9.93 -1.00
CA PRO A 77 5.26 10.52 0.34
C PRO A 77 4.39 9.79 1.34
N PRO A 78 4.68 9.92 2.63
CA PRO A 78 3.87 9.21 3.63
C PRO A 78 2.40 9.62 3.64
N LYS A 79 2.07 10.81 3.15
CA LYS A 79 0.67 11.24 3.14
C LYS A 79 -0.20 10.27 2.35
N PHE A 80 0.37 9.59 1.35
CA PHE A 80 -0.37 8.64 0.53
C PHE A 80 -0.32 7.24 1.13
N SER A 81 -0.66 7.13 2.40
CA SER A 81 -0.60 5.88 3.12
C SER A 81 -1.96 5.20 3.06
N LYS A 82 -1.99 3.97 2.56
CA LYS A 82 -3.22 3.17 2.48
C LYS A 82 -4.34 3.95 1.79
N VAL A 83 -4.00 4.58 0.67
CA VAL A 83 -5.01 5.34 -0.07
C VAL A 83 -6.07 4.36 -0.57
N GLU A 84 -7.32 4.80 -0.52
CA GLU A 84 -8.42 3.94 -0.94
C GLU A 84 -8.52 3.82 -2.45
N ASP A 85 -8.02 4.81 -3.19
CA ASP A 85 -7.96 4.77 -4.64
C ASP A 85 -6.51 4.99 -5.05
N MET A 86 -5.88 3.95 -5.59
CA MET A 86 -4.48 4.06 -5.96
C MET A 86 -4.27 4.88 -7.22
N ALA A 87 -5.34 5.33 -7.88
CA ALA A 87 -5.21 6.28 -8.97
C ALA A 87 -4.87 7.68 -8.46
N GLU A 88 -4.95 7.90 -7.15
CA GLU A 88 -4.59 9.16 -6.53
C GLU A 88 -3.14 9.22 -6.10
N LEU A 89 -2.40 8.11 -6.20
CA LEU A 89 -0.98 8.14 -5.92
C LEU A 89 -0.29 9.14 -6.83
N THR A 90 0.70 9.84 -6.29
CA THR A 90 1.45 10.77 -7.11
C THR A 90 2.58 10.06 -7.87
N CYS A 91 3.12 8.98 -7.30
CA CYS A 91 4.09 8.11 -7.96
C CYS A 91 3.37 6.84 -8.35
N LEU A 92 3.07 6.69 -9.64
CA LEU A 92 2.21 5.61 -10.14
C LEU A 92 3.08 4.54 -10.78
N ASN A 93 3.51 3.58 -9.95
CA ASN A 93 4.32 2.47 -10.42
C ASN A 93 3.93 1.22 -9.64
N GLU A 94 4.51 0.08 -10.06
CA GLU A 94 4.11 -1.19 -9.45
C GLU A 94 4.63 -1.33 -8.03
N ALA A 95 5.79 -0.73 -7.71
CA ALA A 95 6.30 -0.80 -6.34
C ALA A 95 5.42 -0.03 -5.37
N SER A 96 4.83 1.08 -5.82
CA SER A 96 3.93 1.84 -4.97
C SER A 96 2.56 1.19 -4.84
N VAL A 97 2.11 0.53 -5.90
CA VAL A 97 0.83 -0.19 -5.84
C VAL A 97 0.93 -1.39 -4.90
N LEU A 98 2.02 -2.16 -5.02
CA LEU A 98 2.22 -3.29 -4.12
C LEU A 98 2.27 -2.84 -2.66
N HIS A 99 3.03 -1.77 -2.38
CA HIS A 99 3.14 -1.28 -1.01
C HIS A 99 1.80 -0.82 -0.47
N ASN A 100 1.02 -0.13 -1.29
CA ASN A 100 -0.28 0.34 -0.83
C ASN A 100 -1.24 -0.83 -0.56
N LEU A 101 -1.15 -1.88 -1.38
CA LEU A 101 -1.99 -3.05 -1.15
C LEU A 101 -1.53 -3.83 0.07
N LYS A 102 -0.21 -3.94 0.27
CA LYS A 102 0.32 -4.69 1.41
C LYS A 102 -0.13 -4.07 2.73
N GLU A 103 0.05 -2.75 2.86
CA GLU A 103 -0.27 -2.09 4.12
C GLU A 103 -1.76 -2.20 4.44
N ARG A 104 -2.62 -2.07 3.44
CA ARG A 104 -4.05 -2.21 3.68
C ARG A 104 -4.41 -3.63 4.06
N TYR A 105 -3.78 -4.61 3.43
CA TYR A 105 -4.07 -6.01 3.73
C TYR A 105 -3.75 -6.33 5.18
N TYR A 106 -2.54 -5.97 5.63
CA TYR A 106 -2.14 -6.24 7.01
C TYR A 106 -2.88 -5.37 8.01
N SER A 107 -3.69 -4.42 7.55
CA SER A 107 -4.56 -3.62 8.41
C SER A 107 -6.01 -4.08 8.33
N GLY A 108 -6.28 -5.24 7.74
CA GLY A 108 -7.61 -5.78 7.64
C GLY A 108 -8.41 -5.30 6.45
N LEU A 109 -7.81 -4.51 5.56
CA LEU A 109 -8.51 -3.94 4.42
C LEU A 109 -8.12 -4.75 3.18
N ILE A 110 -9.04 -5.60 2.73
CA ILE A 110 -8.78 -6.42 1.54
C ILE A 110 -9.21 -5.74 0.26
N TYR A 111 -10.04 -4.71 0.33
CA TYR A 111 -10.52 -4.00 -0.84
C TYR A 111 -9.72 -2.72 -1.05
N THR A 112 -9.40 -2.42 -2.31
CA THR A 112 -8.67 -1.21 -2.67
C THR A 112 -9.04 -0.83 -4.09
N TYR A 113 -9.44 0.41 -4.31
CA TYR A 113 -9.73 0.84 -5.68
C TYR A 113 -8.44 1.21 -6.39
N SER A 114 -8.36 0.88 -7.67
CA SER A 114 -7.27 1.31 -8.55
C SER A 114 -7.95 1.84 -9.80
N GLY A 115 -8.35 3.10 -9.74
CA GLY A 115 -9.15 3.67 -10.80
C GLY A 115 -10.50 3.00 -10.81
N LEU A 116 -10.86 2.38 -11.94
CA LEU A 116 -12.11 1.65 -12.01
C LEU A 116 -12.04 0.28 -11.33
N PHE A 117 -10.85 -0.31 -11.21
CA PHE A 117 -10.72 -1.64 -10.64
C PHE A 117 -11.10 -1.63 -9.16
N CYS A 118 -11.67 -2.75 -8.71
CA CYS A 118 -11.89 -3.01 -7.29
C CYS A 118 -11.01 -4.22 -6.97
N VAL A 119 -9.82 -3.96 -6.45
CA VAL A 119 -8.88 -5.02 -6.12
C VAL A 119 -9.28 -5.61 -4.78
N VAL A 120 -9.38 -6.94 -4.73
CA VAL A 120 -9.66 -7.64 -3.48
C VAL A 120 -8.67 -8.79 -3.34
N ILE A 121 -8.00 -8.85 -2.18
CA ILE A 121 -7.02 -9.89 -1.88
C ILE A 121 -7.64 -10.85 -0.87
N ASN A 122 -7.62 -12.13 -1.19
CA ASN A 122 -8.30 -13.14 -0.39
C ASN A 122 -7.77 -13.16 1.04
N PRO A 123 -8.59 -12.83 2.04
CA PRO A 123 -8.07 -12.83 3.42
C PRO A 123 -7.96 -14.20 4.05
N TYR A 124 -8.67 -15.20 3.52
CA TYR A 124 -8.76 -16.53 4.13
C TYR A 124 -9.20 -16.44 5.59
N LYS A 125 -10.14 -15.54 5.85
CA LYS A 125 -10.71 -15.35 7.17
C LYS A 125 -12.16 -14.92 7.02
N ASN A 126 -12.90 -14.98 8.12
CA ASN A 126 -14.28 -14.48 8.19
C ASN A 126 -14.23 -13.09 8.80
N LEU A 127 -14.42 -12.06 7.95
CA LEU A 127 -14.34 -10.69 8.42
C LEU A 127 -15.73 -10.13 8.72
N PRO A 128 -15.84 -9.23 9.71
CA PRO A 128 -17.15 -8.65 10.03
C PRO A 128 -17.58 -7.55 9.09
N ILE A 129 -17.10 -7.59 7.84
CA ILE A 129 -17.41 -6.55 6.87
C ILE A 129 -18.59 -6.91 5.98
N TYR A 130 -19.20 -8.08 6.17
CA TYR A 130 -20.31 -8.53 5.34
C TYR A 130 -21.57 -8.72 6.17
N SER A 131 -21.82 -7.81 7.10
CA SER A 131 -23.02 -7.85 7.92
C SER A 131 -24.16 -7.08 7.27
N GLU A 132 -25.37 -7.37 7.74
CA GLU A 132 -26.55 -6.68 7.22
C GLU A 132 -26.53 -5.19 7.56
N GLU A 133 -25.90 -4.83 8.68
CA GLU A 133 -25.79 -3.41 9.05
C GLU A 133 -24.85 -2.66 8.10
N ILE A 134 -23.86 -3.35 7.54
CA ILE A 134 -22.95 -2.71 6.60
C ILE A 134 -23.58 -2.61 5.22
N VAL A 135 -24.49 -3.53 4.87
CA VAL A 135 -25.23 -3.40 3.63
C VAL A 135 -26.02 -2.10 3.62
N GLU A 136 -26.60 -1.73 4.76
CA GLU A 136 -27.36 -0.49 4.83
C GLU A 136 -26.47 0.74 4.69
N MET A 137 -25.22 0.67 5.16
CA MET A 137 -24.33 1.81 5.07
C MET A 137 -23.83 2.05 3.65
N TYR A 138 -24.07 1.12 2.72
CA TYR A 138 -23.60 1.26 1.35
C TYR A 138 -24.71 1.56 0.36
N LYS A 139 -25.97 1.46 0.76
CA LYS A 139 -27.08 1.70 -0.16
C LYS A 139 -27.09 3.17 -0.58
N GLY A 140 -27.07 3.41 -1.89
CA GLY A 140 -27.08 4.74 -2.45
C GLY A 140 -25.79 5.51 -2.34
N LYS A 141 -24.79 4.99 -1.63
CA LYS A 141 -23.54 5.71 -1.43
C LYS A 141 -22.64 5.56 -2.65
N LYS A 142 -21.80 6.57 -2.86
CA LYS A 142 -20.81 6.55 -3.93
C LYS A 142 -19.52 5.90 -3.44
N ARG A 143 -18.61 5.67 -4.38
CA ARG A 143 -17.36 4.99 -4.06
C ARG A 143 -16.54 5.77 -3.05
N HIS A 144 -16.42 7.09 -3.23
CA HIS A 144 -15.58 7.88 -2.35
C HIS A 144 -16.22 8.14 -0.99
N GLU A 145 -17.52 7.90 -0.84
CA GLU A 145 -18.20 8.18 0.42
C GLU A 145 -18.02 7.08 1.45
N MET A 146 -17.56 5.90 1.04
CA MET A 146 -17.38 4.76 1.95
C MET A 146 -16.04 4.12 1.63
N PRO A 147 -15.50 3.32 2.54
CA PRO A 147 -14.28 2.55 2.24
C PRO A 147 -14.52 1.61 1.09
N PRO A 148 -13.47 1.19 0.38
CA PRO A 148 -13.67 0.28 -0.75
C PRO A 148 -14.33 -1.02 -0.31
N HIS A 149 -15.25 -1.51 -1.14
CA HIS A 149 -16.02 -2.69 -0.79
C HIS A 149 -16.72 -3.20 -2.04
N ILE A 150 -16.98 -4.51 -2.07
CA ILE A 150 -17.72 -5.09 -3.18
C ILE A 150 -19.16 -4.57 -3.19
N TYR A 151 -19.68 -4.18 -2.02
CA TYR A 151 -21.03 -3.62 -1.95
C TYR A 151 -21.14 -2.32 -2.73
N ALA A 152 -20.07 -1.51 -2.74
CA ALA A 152 -20.10 -0.25 -3.48
C ALA A 152 -20.12 -0.50 -4.99
N ILE A 153 -19.35 -1.49 -5.45
CA ILE A 153 -19.36 -1.85 -6.86
C ILE A 153 -20.75 -2.37 -7.25
N THR A 154 -21.37 -3.12 -6.35
CA THR A 154 -22.68 -3.70 -6.66
C THR A 154 -23.76 -2.64 -6.59
N ASP A 155 -23.66 -1.72 -5.63
CA ASP A 155 -24.65 -0.67 -5.50
C ASP A 155 -24.57 0.31 -6.66
N THR A 156 -23.36 0.77 -6.99
CA THR A 156 -23.21 1.72 -8.10
C THR A 156 -23.66 1.10 -9.42
N ALA A 157 -23.40 -0.19 -9.61
CA ALA A 157 -23.90 -0.86 -10.81
C ALA A 157 -25.42 -0.96 -10.81
N TYR A 158 -26.01 -1.31 -9.66
CA TYR A 158 -27.46 -1.42 -9.59
C TYR A 158 -28.13 -0.06 -9.75
N ARG A 159 -27.59 0.97 -9.09
CA ARG A 159 -28.15 2.31 -9.23
C ARG A 159 -27.93 2.86 -10.64
N SER A 160 -26.82 2.49 -11.29
CA SER A 160 -26.62 2.91 -12.67
C SER A 160 -27.55 2.17 -13.63
N MET A 161 -27.93 0.94 -13.28
CA MET A 161 -28.89 0.22 -14.10
C MET A 161 -30.26 0.89 -14.07
N MET A 162 -30.67 1.42 -12.92
CA MET A 162 -31.99 2.02 -12.78
C MET A 162 -32.03 3.48 -13.23
N GLN A 163 -30.93 4.21 -13.07
CA GLN A 163 -30.89 5.60 -13.51
C GLN A 163 -30.64 5.69 -15.02
N ASP A 164 -29.53 5.11 -15.49
CA ASP A 164 -29.18 5.17 -16.89
C ASP A 164 -30.01 4.23 -17.75
N ARG A 165 -30.65 3.23 -17.14
CA ARG A 165 -31.55 2.30 -17.83
C ARG A 165 -30.82 1.51 -18.91
N GLU A 166 -29.63 1.03 -18.55
CA GLU A 166 -28.85 0.15 -19.41
C GLU A 166 -28.29 -0.99 -18.57
N ASP A 167 -28.06 -2.12 -19.22
CA ASP A 167 -27.59 -3.33 -18.54
C ASP A 167 -26.17 -3.13 -18.01
N GLN A 168 -25.82 -3.94 -17.02
CA GLN A 168 -24.54 -3.85 -16.34
C GLN A 168 -23.79 -5.16 -16.45
N SER A 169 -22.47 -5.08 -16.37
CA SER A 169 -21.61 -6.25 -16.33
C SER A 169 -20.53 -6.04 -15.30
N ILE A 170 -20.21 -7.10 -14.57
CA ILE A 170 -19.16 -7.07 -13.55
C ILE A 170 -18.12 -8.10 -13.97
N LEU A 171 -16.98 -7.64 -14.47
CA LEU A 171 -15.91 -8.51 -14.97
C LEU A 171 -14.96 -8.84 -13.83
N CYS A 172 -14.98 -10.11 -13.40
CA CYS A 172 -14.15 -10.59 -12.31
C CYS A 172 -13.06 -11.51 -12.84
N THR A 173 -11.82 -11.24 -12.47
CA THR A 173 -10.69 -12.11 -12.78
C THR A 173 -10.17 -12.72 -11.49
N GLY A 174 -9.25 -13.66 -11.66
CA GLY A 174 -8.62 -14.32 -10.53
C GLY A 174 -8.40 -15.78 -10.88
N GLU A 175 -7.42 -16.39 -10.22
CA GLU A 175 -7.08 -17.78 -10.49
C GLU A 175 -7.36 -18.64 -9.27
N SER A 176 -8.57 -18.51 -8.72
CA SER A 176 -8.97 -19.27 -7.54
C SER A 176 -10.48 -19.45 -7.59
N GLY A 177 -10.92 -20.71 -7.66
CA GLY A 177 -12.35 -21.00 -7.63
C GLY A 177 -13.02 -20.69 -6.32
N ALA A 178 -12.24 -20.42 -5.26
CA ALA A 178 -12.80 -20.08 -3.97
C ALA A 178 -12.94 -18.57 -3.76
N GLY A 179 -11.96 -17.79 -4.23
CA GLY A 179 -12.04 -16.35 -4.06
C GLY A 179 -13.03 -15.70 -5.00
N LYS A 180 -13.05 -16.14 -6.26
CA LYS A 180 -13.99 -15.56 -7.21
C LYS A 180 -15.42 -15.94 -6.87
N THR A 181 -15.64 -17.17 -6.42
CA THR A 181 -17.01 -17.59 -6.10
C THR A 181 -17.52 -16.87 -4.87
N GLU A 182 -16.66 -16.63 -3.88
CA GLU A 182 -17.10 -15.89 -2.69
C GLU A 182 -17.37 -14.43 -3.01
N ASN A 183 -16.66 -13.87 -4.00
CA ASN A 183 -16.97 -12.51 -4.42
C ASN A 183 -18.32 -12.46 -5.14
N THR A 184 -18.57 -13.42 -6.02
CA THR A 184 -19.87 -13.49 -6.69
C THR A 184 -20.99 -13.70 -5.68
N LYS A 185 -20.76 -14.54 -4.67
CA LYS A 185 -21.77 -14.74 -3.63
C LYS A 185 -22.09 -13.44 -2.91
N LYS A 186 -21.11 -12.56 -2.73
CA LYS A 186 -21.38 -11.28 -2.09
C LYS A 186 -22.19 -10.36 -2.99
N VAL A 187 -21.82 -10.31 -4.28
CA VAL A 187 -22.56 -9.49 -5.24
C VAL A 187 -24.04 -9.90 -5.26
N ILE A 188 -24.30 -11.20 -5.30
CA ILE A 188 -25.67 -11.68 -5.36
C ILE A 188 -26.40 -11.40 -4.05
N GLN A 189 -25.72 -11.59 -2.92
CA GLN A 189 -26.35 -11.32 -1.64
C GLN A 189 -26.73 -9.86 -1.51
N TYR A 190 -25.86 -8.95 -1.97
CA TYR A 190 -26.20 -7.53 -1.91
C TYR A 190 -27.40 -7.22 -2.80
N LEU A 191 -27.43 -7.80 -4.00
CA LEU A 191 -28.59 -7.61 -4.89
C LEU A 191 -29.83 -8.30 -4.34
N ALA A 192 -29.66 -9.48 -3.74
CA ALA A 192 -30.80 -10.17 -3.14
C ALA A 192 -31.33 -9.45 -1.92
N TYR A 193 -30.56 -8.53 -1.34
CA TYR A 193 -31.05 -7.76 -0.20
C TYR A 193 -31.65 -6.44 -0.63
N VAL A 194 -31.01 -5.76 -1.59
CA VAL A 194 -31.42 -4.41 -1.98
C VAL A 194 -32.48 -4.41 -3.07
N ALA A 195 -32.72 -5.53 -3.75
CA ALA A 195 -33.66 -5.53 -4.87
C ALA A 195 -34.65 -6.71 -4.83
N SER A 196 -34.92 -7.28 -3.66
CA SER A 196 -35.89 -8.36 -3.55
C SER A 196 -37.16 -7.86 -2.89
N SER A 197 -38.28 -8.46 -3.26
CA SER A 197 -39.59 -8.06 -2.78
C SER A 197 -40.14 -8.97 -1.68
N HIS A 198 -39.44 -10.06 -1.35
CA HIS A 198 -39.90 -10.98 -0.34
C HIS A 198 -38.77 -11.91 0.09
N LYS A 201 -35.36 -13.52 4.03
CA LYS A 201 -36.33 -14.60 4.05
C LYS A 201 -35.76 -15.82 3.34
N LYS A 202 -36.51 -16.93 3.36
CA LYS A 202 -36.03 -18.15 2.71
C LYS A 202 -36.09 -18.04 1.19
N ASP A 203 -37.15 -17.43 0.66
CA ASP A 203 -37.24 -17.21 -0.79
C ASP A 203 -36.23 -16.19 -1.28
N GLN A 204 -35.58 -15.46 -0.37
CA GLN A 204 -34.63 -14.41 -0.74
C GLN A 204 -33.24 -14.95 -1.05
N GLY A 205 -32.98 -16.22 -0.78
CA GLY A 205 -31.66 -16.79 -1.03
C GLY A 205 -31.68 -18.02 -1.91
N GLU A 206 -32.82 -18.27 -2.57
CA GLU A 206 -32.93 -19.46 -3.41
C GLU A 206 -32.09 -19.31 -4.68
N LEU A 207 -32.02 -18.10 -5.23
CA LEU A 207 -31.20 -17.87 -6.42
C LEU A 207 -29.75 -18.23 -6.15
N GLU A 208 -29.23 -17.82 -4.98
CA GLU A 208 -27.89 -18.22 -4.57
C GLU A 208 -27.81 -19.72 -4.28
N ARG A 209 -28.91 -20.30 -3.78
CA ARG A 209 -28.89 -21.73 -3.45
C ARG A 209 -28.73 -22.59 -4.70
N GLN A 210 -29.40 -22.23 -5.79
CA GLN A 210 -29.28 -23.02 -7.01
C GLN A 210 -27.95 -22.78 -7.71
N LEU A 211 -27.43 -21.55 -7.68
CA LEU A 211 -26.16 -21.27 -8.32
C LEU A 211 -25.02 -22.05 -7.66
N LEU A 212 -25.07 -22.20 -6.33
CA LEU A 212 -24.06 -22.98 -5.64
C LEU A 212 -24.19 -24.47 -5.92
N GLN A 213 -25.30 -24.90 -6.53
CA GLN A 213 -25.44 -26.27 -6.99
C GLN A 213 -25.04 -26.44 -8.45
N ALA A 214 -25.10 -25.37 -9.24
CA ALA A 214 -24.66 -25.41 -10.62
C ALA A 214 -23.15 -25.29 -10.77
N ASN A 215 -22.46 -24.77 -9.76
CA ASN A 215 -21.01 -24.62 -9.84
C ASN A 215 -20.29 -25.95 -9.97
N PRO A 216 -20.56 -26.98 -9.15
CA PRO A 216 -19.85 -28.25 -9.33
C PRO A 216 -20.16 -28.93 -10.66
N ILE A 217 -21.39 -28.79 -11.17
CA ILE A 217 -21.75 -29.43 -12.43
C ILE A 217 -20.94 -28.85 -13.58
N LEU A 218 -20.91 -27.52 -13.69
CA LEU A 218 -20.10 -26.90 -14.74
C LEU A 218 -18.61 -27.10 -14.48
N GLU A 219 -18.19 -27.21 -13.22
CA GLU A 219 -16.77 -27.36 -12.90
C GLU A 219 -16.24 -28.69 -13.41
N ALA A 220 -16.98 -29.78 -13.19
CA ALA A 220 -16.53 -31.09 -13.64
C ALA A 220 -16.39 -31.15 -15.16
N PHE A 221 -17.26 -30.46 -15.89
CA PHE A 221 -17.22 -30.47 -17.34
C PHE A 221 -16.42 -29.32 -17.95
N GLY A 222 -16.07 -28.29 -17.17
CA GLY A 222 -15.45 -27.12 -17.74
C GLY A 222 -14.09 -26.76 -17.18
N ASN A 223 -13.75 -27.31 -16.01
CA ASN A 223 -12.48 -27.03 -15.35
C ASN A 223 -11.50 -28.18 -15.60
N ALA A 224 -10.21 -27.87 -15.40
CA ALA A 224 -9.17 -28.85 -15.68
C ALA A 224 -7.90 -28.43 -14.94
N LYS A 225 -7.08 -29.43 -14.65
CA LYS A 225 -5.77 -29.19 -14.05
C LYS A 225 -4.79 -28.75 -15.13
N THR A 226 -4.23 -27.56 -14.98
CA THR A 226 -3.16 -27.09 -15.86
C THR A 226 -1.83 -27.14 -15.10
N VAL A 227 -0.76 -26.76 -15.79
CA VAL A 227 0.57 -26.74 -15.17
C VAL A 227 0.70 -25.64 -14.12
N LYS A 228 -0.31 -24.78 -13.99
CA LYS A 228 -0.27 -23.65 -13.08
C LYS A 228 -1.46 -23.58 -12.12
N ASN A 229 -2.57 -24.27 -12.40
CA ASN A 229 -3.76 -24.22 -11.56
C ASN A 229 -4.42 -25.60 -11.58
N ASP A 230 -4.68 -26.14 -10.39
CA ASP A 230 -5.25 -27.47 -10.29
C ASP A 230 -6.73 -27.52 -10.65
N ASN A 231 -7.41 -26.38 -10.74
CA ASN A 231 -8.84 -26.34 -10.96
C ASN A 231 -9.18 -25.15 -11.86
N SER A 232 -8.54 -25.07 -13.01
CA SER A 232 -8.65 -23.92 -13.88
C SER A 232 -9.89 -24.04 -14.74
N SER A 233 -10.77 -23.05 -14.68
CA SER A 233 -11.94 -23.03 -15.54
CA SER A 233 -11.95 -23.02 -15.53
C SER A 233 -11.52 -22.72 -16.96
N ARG A 234 -11.92 -23.58 -17.89
CA ARG A 234 -11.55 -23.44 -19.30
C ARG A 234 -12.71 -22.90 -20.13
N PHE A 235 -13.48 -22.00 -19.56
CA PHE A 235 -14.58 -21.35 -20.25
C PHE A 235 -14.90 -20.06 -19.50
N GLY A 236 -15.73 -19.24 -20.11
CA GLY A 236 -16.20 -18.03 -19.46
C GLY A 236 -17.65 -18.17 -19.02
N LYS A 237 -17.89 -17.93 -17.74
CA LYS A 237 -19.24 -18.01 -17.17
C LYS A 237 -19.79 -16.61 -17.03
N PHE A 238 -21.02 -16.40 -17.52
CA PHE A 238 -21.70 -15.11 -17.45
C PHE A 238 -23.01 -15.33 -16.71
N ILE A 239 -23.04 -14.99 -15.43
CA ILE A 239 -24.24 -15.14 -14.60
C ILE A 239 -25.03 -13.84 -14.68
N ARG A 240 -26.22 -13.90 -15.28
CA ARG A 240 -27.08 -12.74 -15.46
C ARG A 240 -28.16 -12.72 -14.40
N ILE A 241 -28.22 -11.64 -13.63
CA ILE A 241 -29.28 -11.40 -12.65
C ILE A 241 -30.33 -10.52 -13.34
N ASN A 242 -31.52 -11.06 -13.56
CA ASN A 242 -32.57 -10.35 -14.29
C ASN A 242 -33.42 -9.49 -13.36
N PHE A 243 -33.85 -8.34 -13.88
CA PHE A 243 -34.68 -7.39 -13.15
C PHE A 243 -35.86 -6.97 -14.02
N ASP A 244 -36.99 -6.68 -13.38
CA ASP A 244 -38.13 -6.12 -14.10
C ASP A 244 -37.90 -4.62 -14.30
N VAL A 245 -38.90 -3.92 -14.85
CA VAL A 245 -38.76 -2.51 -15.14
C VAL A 245 -38.66 -1.67 -13.87
N ASN A 246 -39.07 -2.22 -12.73
CA ASN A 246 -39.06 -1.49 -11.46
C ASN A 246 -37.89 -1.87 -10.56
N GLY A 247 -37.00 -2.74 -11.01
CA GLY A 247 -35.79 -3.03 -10.28
C GLY A 247 -35.85 -4.18 -9.30
N TYR A 248 -36.82 -5.08 -9.44
CA TYR A 248 -36.91 -6.25 -8.58
C TYR A 248 -36.38 -7.47 -9.31
N ILE A 249 -35.64 -8.32 -8.59
CA ILE A 249 -35.05 -9.51 -9.19
C ILE A 249 -36.15 -10.46 -9.59
N VAL A 250 -36.11 -10.93 -10.84
CA VAL A 250 -37.12 -11.85 -11.35
C VAL A 250 -36.55 -13.23 -11.68
N GLY A 251 -35.25 -13.36 -11.80
CA GLY A 251 -34.66 -14.65 -12.11
C GLY A 251 -33.19 -14.51 -12.44
N ALA A 252 -32.60 -15.63 -12.86
CA ALA A 252 -31.19 -15.65 -13.22
C ALA A 252 -30.91 -16.86 -14.10
N ASN A 253 -29.94 -16.71 -15.00
CA ASN A 253 -29.50 -17.78 -15.86
C ASN A 253 -28.00 -17.67 -16.08
N ILE A 254 -27.43 -18.69 -16.72
CA ILE A 254 -25.98 -18.81 -16.90
C ILE A 254 -25.68 -18.94 -18.39
N GLU A 255 -24.79 -18.08 -18.87
CA GLU A 255 -24.26 -18.20 -20.22
C GLU A 255 -22.80 -18.62 -20.15
N THR A 256 -22.34 -19.33 -21.18
CA THR A 256 -20.97 -19.78 -21.25
C THR A 256 -20.35 -19.37 -22.58
N TYR A 257 -19.04 -19.16 -22.57
CA TYR A 257 -18.31 -18.69 -23.73
C TYR A 257 -16.92 -19.31 -23.74
N LEU A 258 -16.38 -19.47 -24.94
CA LEU A 258 -14.96 -19.80 -25.14
C LEU A 258 -14.56 -21.06 -24.39
N LEU A 259 -15.36 -22.12 -24.55
CA LEU A 259 -15.00 -23.41 -23.99
C LEU A 259 -13.80 -23.98 -24.74
N GLU A 260 -12.78 -24.39 -23.99
CA GLU A 260 -11.53 -24.90 -24.56
C GLU A 260 -11.75 -26.37 -24.94
N LYS A 261 -12.42 -26.57 -26.07
CA LYS A 261 -12.75 -27.93 -26.50
C LYS A 261 -11.52 -28.70 -27.00
N SER A 262 -10.46 -28.00 -27.40
CA SER A 262 -9.26 -28.70 -27.83
C SER A 262 -8.66 -29.54 -26.71
N ARG A 263 -8.96 -29.21 -25.46
CA ARG A 263 -8.44 -29.96 -24.33
C ARG A 263 -8.98 -31.38 -24.28
N ALA A 264 -10.07 -31.66 -24.99
CA ALA A 264 -10.65 -33.00 -24.98
C ALA A 264 -9.81 -34.01 -25.75
N ILE A 265 -8.93 -33.56 -26.66
CA ILE A 265 -8.20 -34.48 -27.51
C ILE A 265 -6.71 -34.54 -27.21
N ARG A 266 -6.14 -33.54 -26.55
CA ARG A 266 -4.73 -33.58 -26.17
C ARG A 266 -4.48 -32.53 -25.09
N GLN A 267 -3.52 -32.82 -24.21
CA GLN A 267 -3.15 -31.92 -23.13
C GLN A 267 -1.63 -31.92 -22.97
N ALA A 268 -1.11 -30.82 -22.44
CA ALA A 268 0.32 -30.64 -22.25
C ALA A 268 0.81 -31.42 -21.02
N LYS A 269 2.12 -31.39 -20.80
CA LYS A 269 2.71 -32.11 -19.67
C LYS A 269 2.15 -31.62 -18.35
N GLU A 270 1.90 -32.56 -17.44
CA GLU A 270 1.35 -32.32 -16.11
C GLU A 270 -0.08 -31.78 -16.15
N GLU A 271 -0.70 -31.73 -17.31
CA GLU A 271 -2.04 -31.18 -17.44
C GLU A 271 -3.05 -32.28 -17.72
N ARG A 272 -4.27 -32.05 -17.24
CA ARG A 272 -5.37 -32.99 -17.43
C ARG A 272 -6.40 -32.40 -18.38
N THR A 273 -7.22 -33.27 -18.95
CA THR A 273 -8.40 -32.80 -19.67
C THR A 273 -9.45 -32.41 -18.63
N PHE A 274 -10.69 -32.25 -19.05
CA PHE A 274 -11.73 -31.83 -18.11
C PHE A 274 -11.91 -32.87 -17.01
N HIS A 275 -12.29 -32.40 -15.82
CA HIS A 275 -12.35 -33.26 -14.64
C HIS A 275 -13.23 -34.48 -14.88
N ILE A 276 -14.34 -34.31 -15.61
CA ILE A 276 -15.36 -35.35 -15.70
C ILE A 276 -14.80 -36.65 -16.27
N PHE A 277 -13.77 -36.57 -17.13
CA PHE A 277 -13.23 -37.80 -17.72
C PHE A 277 -12.63 -38.71 -16.65
N TYR A 278 -11.80 -38.15 -15.77
CA TYR A 278 -11.18 -38.95 -14.72
C TYR A 278 -12.20 -39.39 -13.68
N TYR A 279 -13.21 -38.56 -13.41
CA TYR A 279 -14.25 -38.95 -12.46
C TYR A 279 -14.92 -40.24 -12.93
N LEU A 280 -15.24 -40.33 -14.22
CA LEU A 280 -15.96 -41.48 -14.75
C LEU A 280 -15.07 -42.71 -14.85
N LEU A 281 -13.83 -42.54 -15.29
CA LEU A 281 -12.96 -43.68 -15.55
C LEU A 281 -12.55 -44.40 -14.26
N SER A 282 -12.35 -43.66 -13.18
CA SER A 282 -11.93 -44.26 -11.92
C SER A 282 -13.01 -44.24 -10.85
N GLY A 283 -14.15 -43.63 -11.12
CA GLY A 283 -15.21 -43.57 -10.12
C GLY A 283 -16.44 -44.40 -10.45
N ALA A 284 -16.43 -45.08 -11.60
CA ALA A 284 -17.55 -45.92 -12.00
C ALA A 284 -17.34 -47.36 -11.55
N GLY A 285 -18.43 -48.01 -11.16
CA GLY A 285 -18.38 -49.42 -10.81
C GLY A 285 -18.11 -50.28 -12.02
N GLU A 286 -17.98 -51.59 -11.75
CA GLU A 286 -17.69 -52.52 -12.84
C GLU A 286 -18.86 -52.65 -13.80
N HIS A 287 -20.09 -52.44 -13.32
CA HIS A 287 -21.25 -52.56 -14.19
C HIS A 287 -21.41 -51.33 -15.08
N LEU A 288 -21.09 -50.15 -14.55
CA LEU A 288 -21.12 -48.96 -15.39
C LEU A 288 -19.98 -49.00 -16.41
N LYS A 289 -18.81 -49.49 -16.01
CA LYS A 289 -17.70 -49.65 -16.94
C LYS A 289 -18.10 -50.54 -18.11
N THR A 290 -18.76 -51.66 -17.83
CA THR A 290 -19.17 -52.57 -18.89
C THR A 290 -20.21 -51.91 -19.81
N ASP A 291 -21.22 -51.27 -19.22
CA ASP A 291 -22.29 -50.68 -20.02
C ASP A 291 -21.80 -49.53 -20.89
N LEU A 292 -20.84 -48.76 -20.38
CA LEU A 292 -20.27 -47.64 -21.12
C LEU A 292 -19.02 -48.02 -21.90
N LEU A 293 -18.63 -49.30 -21.88
CA LEU A 293 -17.45 -49.79 -22.61
C LEU A 293 -16.19 -49.08 -22.17
N LEU A 294 -16.10 -48.78 -20.88
CA LEU A 294 -14.95 -48.04 -20.36
C LEU A 294 -13.71 -48.93 -20.31
N GLU A 295 -12.56 -48.33 -20.63
CA GLU A 295 -11.29 -49.02 -20.68
C GLU A 295 -10.31 -48.34 -19.72
N PRO A 296 -9.22 -49.02 -19.35
CA PRO A 296 -8.20 -48.39 -18.49
C PRO A 296 -7.62 -47.13 -19.11
N TYR A 297 -6.91 -46.38 -18.28
CA TYR A 297 -6.41 -45.06 -18.68
C TYR A 297 -5.42 -45.16 -19.83
N ASN A 298 -4.60 -46.21 -19.86
CA ASN A 298 -3.53 -46.36 -20.83
C ASN A 298 -4.01 -46.90 -22.17
N LYS A 299 -5.29 -46.74 -22.50
CA LYS A 299 -5.80 -47.14 -23.80
C LYS A 299 -6.47 -46.00 -24.55
N TYR A 300 -6.53 -44.80 -23.96
CA TYR A 300 -7.12 -43.64 -24.60
C TYR A 300 -6.01 -42.69 -25.02
N ARG A 301 -5.86 -42.50 -26.33
CA ARG A 301 -4.91 -41.52 -26.84
C ARG A 301 -5.28 -40.11 -26.41
N PHE A 302 -6.58 -39.83 -26.22
CA PHE A 302 -7.02 -38.49 -25.88
C PHE A 302 -6.61 -38.06 -24.46
N LEU A 303 -6.23 -39.01 -23.62
CA LEU A 303 -5.70 -38.70 -22.28
C LEU A 303 -4.17 -38.77 -22.41
N SER A 304 -3.56 -37.63 -22.69
CA SER A 304 -2.15 -37.60 -23.09
C SER A 304 -1.25 -38.17 -22.01
N ASN A 305 -1.42 -37.72 -20.77
CA ASN A 305 -0.52 -38.05 -19.68
C ASN A 305 -1.04 -39.14 -18.77
N GLY A 306 -2.15 -39.78 -19.13
CA GLY A 306 -2.68 -40.82 -18.28
C GLY A 306 -3.41 -40.25 -17.08
N HIS A 307 -3.45 -41.04 -16.01
CA HIS A 307 -4.18 -40.66 -14.80
C HIS A 307 -3.31 -39.75 -13.93
N VAL A 308 -3.15 -38.51 -14.39
CA VAL A 308 -2.57 -37.48 -13.55
C VAL A 308 -3.54 -37.18 -12.43
N THR A 309 -3.05 -37.23 -11.20
CA THR A 309 -3.90 -37.01 -10.04
C THR A 309 -3.86 -35.54 -9.63
N ILE A 310 -4.89 -35.11 -8.92
CA ILE A 310 -4.96 -33.78 -8.33
C ILE A 310 -4.64 -33.91 -6.84
N PRO A 311 -3.65 -33.18 -6.32
CA PRO A 311 -3.27 -33.36 -4.92
C PRO A 311 -4.43 -33.08 -3.97
N GLY A 312 -4.53 -33.93 -2.95
CA GLY A 312 -5.57 -33.76 -1.95
C GLY A 312 -6.98 -33.95 -2.48
N GLN A 313 -7.13 -34.75 -3.53
CA GLN A 313 -8.44 -34.98 -4.12
C GLN A 313 -8.42 -36.33 -4.83
N GLN A 314 -9.56 -36.99 -4.83
CA GLN A 314 -9.71 -38.32 -5.41
C GLN A 314 -10.68 -38.22 -6.58
N ASP A 315 -10.23 -38.66 -7.76
CA ASP A 315 -11.14 -38.71 -8.89
C ASP A 315 -12.29 -39.68 -8.64
N LYS A 316 -12.02 -40.79 -7.96
CA LYS A 316 -13.08 -41.72 -7.61
C LYS A 316 -14.14 -41.07 -6.75
N ASP A 317 -13.71 -40.25 -5.78
CA ASP A 317 -14.65 -39.64 -4.84
C ASP A 317 -15.45 -38.52 -5.49
N MET A 318 -14.78 -37.67 -6.29
CA MET A 318 -15.48 -36.56 -6.92
C MET A 318 -16.56 -37.01 -7.88
N PHE A 319 -16.50 -38.27 -8.35
CA PHE A 319 -17.54 -38.76 -9.26
C PHE A 319 -18.90 -38.76 -8.60
N GLN A 320 -18.99 -39.21 -7.35
CA GLN A 320 -20.25 -39.20 -6.64
C GLN A 320 -20.76 -37.78 -6.40
N GLU A 321 -19.87 -36.89 -5.97
CA GLU A 321 -20.28 -35.51 -5.71
C GLU A 321 -20.83 -34.86 -6.97
N THR A 322 -20.23 -35.16 -8.12
CA THR A 322 -20.72 -34.62 -9.38
C THR A 322 -22.10 -35.17 -9.73
N MET A 323 -22.27 -36.49 -9.60
CA MET A 323 -23.58 -37.06 -9.83
C MET A 323 -24.58 -36.62 -8.76
N GLU A 324 -24.11 -36.44 -7.53
CA GLU A 324 -24.99 -35.93 -6.46
C GLU A 324 -25.55 -34.56 -6.81
N ALA A 325 -24.68 -33.66 -7.28
CA ALA A 325 -25.11 -32.31 -7.64
C ALA A 325 -26.14 -32.33 -8.77
N MET A 326 -26.01 -33.27 -9.71
CA MET A 326 -26.97 -33.37 -10.80
C MET A 326 -28.34 -33.86 -10.31
N ARG A 327 -28.34 -34.80 -9.36
CA ARG A 327 -29.60 -35.23 -8.77
C ARG A 327 -30.25 -34.07 -8.02
N ILE A 328 -29.47 -33.31 -7.27
CA ILE A 328 -30.01 -32.15 -6.54
C ILE A 328 -30.56 -31.13 -7.52
N MET A 329 -29.87 -30.91 -8.63
CA MET A 329 -30.32 -29.94 -9.63
C MET A 329 -31.66 -30.36 -10.24
N GLY A 330 -31.95 -31.65 -10.28
CA GLY A 330 -33.16 -32.16 -10.86
C GLY A 330 -33.00 -32.89 -12.18
N ILE A 331 -31.78 -33.19 -12.58
CA ILE A 331 -31.51 -33.87 -13.84
C ILE A 331 -31.77 -35.36 -13.67
N PRO A 332 -32.64 -35.95 -14.48
CA PRO A 332 -33.02 -37.35 -14.26
C PRO A 332 -31.88 -38.30 -14.60
N GLU A 333 -32.10 -39.57 -14.25
CA GLU A 333 -31.07 -40.59 -14.42
C GLU A 333 -30.67 -40.74 -15.87
N GLU A 334 -31.65 -40.93 -16.77
CA GLU A 334 -31.33 -41.20 -18.16
C GLU A 334 -30.65 -40.02 -18.84
N GLU A 335 -30.79 -38.80 -18.32
CA GLU A 335 -30.04 -37.68 -18.89
C GLU A 335 -28.60 -37.67 -18.40
N GLN A 336 -28.36 -38.08 -17.15
CA GLN A 336 -26.99 -38.20 -16.67
C GLN A 336 -26.26 -39.33 -17.38
N MET A 337 -26.98 -40.41 -17.69
CA MET A 337 -26.38 -41.50 -18.45
C MET A 337 -26.01 -41.04 -19.86
N GLY A 338 -26.83 -40.19 -20.46
CA GLY A 338 -26.48 -39.62 -21.76
C GLY A 338 -25.18 -38.84 -21.72
N LEU A 339 -24.93 -38.13 -20.61
CA LEU A 339 -23.67 -37.40 -20.47
C LEU A 339 -22.49 -38.34 -20.27
N LEU A 340 -22.66 -39.36 -19.43
CA LEU A 340 -21.61 -40.34 -19.24
C LEU A 340 -21.38 -41.14 -20.52
N ARG A 341 -22.46 -41.47 -21.23
CA ARG A 341 -22.32 -42.25 -22.45
C ARG A 341 -21.58 -41.46 -23.52
N VAL A 342 -21.91 -40.18 -23.68
CA VAL A 342 -21.21 -39.34 -24.65
C VAL A 342 -19.75 -39.17 -24.25
N ILE A 343 -19.48 -38.99 -22.96
CA ILE A 343 -18.09 -38.94 -22.50
C ILE A 343 -17.34 -40.19 -22.95
N SER A 344 -17.95 -41.36 -22.74
CA SER A 344 -17.33 -42.60 -23.20
C SER A 344 -17.16 -42.60 -24.71
N GLY A 345 -18.15 -42.08 -25.45
CA GLY A 345 -18.03 -41.99 -26.89
C GLY A 345 -16.94 -41.03 -27.33
N VAL A 346 -16.80 -39.90 -26.63
CA VAL A 346 -15.74 -38.93 -26.95
C VAL A 346 -14.37 -39.57 -26.78
N LEU A 347 -14.21 -40.39 -25.74
CA LEU A 347 -12.92 -41.06 -25.53
C LEU A 347 -12.67 -42.10 -26.59
N GLN A 348 -13.70 -42.85 -26.99
CA GLN A 348 -13.51 -43.94 -27.94
C GLN A 348 -13.12 -43.42 -29.32
N LEU A 349 -13.51 -42.20 -29.68
CA LEU A 349 -13.12 -41.66 -30.97
C LEU A 349 -11.61 -41.61 -31.11
N GLY A 350 -10.91 -41.26 -30.03
CA GLY A 350 -9.45 -41.21 -30.06
C GLY A 350 -8.77 -42.55 -30.21
N ASN A 351 -9.51 -43.64 -30.03
CA ASN A 351 -8.98 -45.00 -30.20
C ASN A 351 -9.06 -45.50 -31.63
N ILE A 352 -9.76 -44.78 -32.50
CA ILE A 352 -9.80 -45.14 -33.92
C ILE A 352 -8.43 -44.91 -34.53
N VAL A 353 -7.92 -45.91 -35.23
CA VAL A 353 -6.60 -45.84 -35.84
C VAL A 353 -6.76 -45.99 -37.35
N PHE A 354 -6.30 -44.98 -38.08
CA PHE A 354 -6.23 -45.04 -39.53
C PHE A 354 -4.80 -45.29 -39.97
N LYS A 355 -4.66 -46.03 -41.06
CA LYS A 355 -3.37 -46.39 -41.63
C LYS A 355 -3.38 -46.08 -43.11
N LYS A 356 -2.26 -45.56 -43.62
CA LYS A 356 -2.11 -45.37 -45.05
C LYS A 356 -1.84 -46.72 -45.71
N GLU A 357 -2.64 -47.04 -46.72
CA GLU A 357 -2.48 -48.30 -47.43
C GLU A 357 -1.30 -48.22 -48.41
N ARG A 358 -1.06 -49.31 -49.13
CA ARG A 358 0.13 -49.42 -49.96
C ARG A 358 -0.02 -48.62 -51.25
N ASN A 359 0.83 -47.61 -51.41
CA ASN A 359 0.95 -46.83 -52.65
C ASN A 359 -0.35 -46.13 -53.02
N THR A 360 -1.18 -45.83 -52.03
CA THR A 360 -2.43 -45.10 -52.25
C THR A 360 -2.64 -44.13 -51.10
N ASP A 361 -3.02 -42.90 -51.44
CA ASP A 361 -3.27 -41.88 -50.42
C ASP A 361 -4.57 -42.07 -49.66
N GLN A 362 -5.37 -43.08 -50.01
CA GLN A 362 -6.61 -43.34 -49.28
C GLN A 362 -6.31 -43.99 -47.93
N ALA A 363 -6.96 -43.50 -46.88
CA ALA A 363 -6.79 -44.06 -45.55
C ALA A 363 -7.59 -45.35 -45.39
N SER A 364 -7.07 -46.23 -44.54
CA SER A 364 -7.75 -47.48 -44.22
C SER A 364 -7.90 -47.58 -42.71
N MET A 365 -8.80 -48.47 -42.31
CA MET A 365 -9.13 -48.70 -40.91
C MET A 365 -9.18 -50.20 -40.71
N PRO A 366 -8.02 -50.84 -40.52
CA PRO A 366 -8.00 -52.31 -40.49
C PRO A 366 -8.83 -52.90 -39.37
N ASP A 367 -8.87 -52.25 -38.21
CA ASP A 367 -9.63 -52.70 -37.07
C ASP A 367 -10.79 -51.75 -36.84
N ASN A 368 -12.00 -52.30 -36.76
CA ASN A 368 -13.21 -51.50 -36.55
C ASN A 368 -13.76 -51.66 -35.14
N THR A 369 -12.94 -52.09 -34.19
CA THR A 369 -13.42 -52.24 -32.81
C THR A 369 -13.77 -50.89 -32.20
N ALA A 370 -12.91 -49.88 -32.40
CA ALA A 370 -13.19 -48.56 -31.85
C ALA A 370 -14.42 -47.94 -32.50
N ALA A 371 -14.59 -48.14 -33.81
CA ALA A 371 -15.73 -47.57 -34.51
C ALA A 371 -17.03 -48.24 -34.06
N GLN A 372 -16.99 -49.55 -33.82
CA GLN A 372 -18.16 -50.24 -33.29
C GLN A 372 -18.56 -49.67 -31.93
N LYS A 373 -17.60 -49.36 -31.08
CA LYS A 373 -17.92 -48.77 -29.79
C LYS A 373 -18.43 -47.34 -29.94
N VAL A 374 -17.76 -46.54 -30.79
CA VAL A 374 -18.24 -45.19 -31.06
C VAL A 374 -19.65 -45.22 -31.62
N SER A 375 -19.92 -46.13 -32.55
CA SER A 375 -21.24 -46.18 -33.18
C SER A 375 -22.30 -46.69 -32.21
N HIS A 376 -21.93 -47.61 -31.32
CA HIS A 376 -22.88 -48.09 -30.31
C HIS A 376 -23.17 -47.00 -29.27
N LEU A 377 -22.14 -46.30 -28.83
CA LEU A 377 -22.34 -45.28 -27.80
C LEU A 377 -23.05 -44.06 -28.37
N LEU A 378 -22.90 -43.78 -29.66
CA LEU A 378 -23.46 -42.58 -30.27
C LEU A 378 -24.74 -42.85 -31.05
N GLY A 379 -25.20 -44.11 -31.09
CA GLY A 379 -26.47 -44.42 -31.72
C GLY A 379 -26.49 -44.25 -33.22
N ILE A 380 -25.43 -44.66 -33.90
CA ILE A 380 -25.36 -44.61 -35.35
C ILE A 380 -24.84 -45.95 -35.87
N ASN A 381 -24.89 -46.12 -37.18
CA ASN A 381 -24.51 -47.37 -37.84
C ASN A 381 -23.01 -47.37 -38.14
N VAL A 382 -22.35 -48.48 -37.81
CA VAL A 382 -20.90 -48.55 -37.97
C VAL A 382 -20.50 -48.48 -39.43
N THR A 383 -21.32 -49.04 -40.33
CA THR A 383 -20.99 -48.98 -41.75
C THR A 383 -21.20 -47.57 -42.30
N ASP A 384 -22.29 -46.91 -41.88
CA ASP A 384 -22.47 -45.51 -42.25
C ASP A 384 -21.33 -44.66 -41.71
N PHE A 385 -20.90 -44.94 -40.48
CA PHE A 385 -19.83 -44.18 -39.87
C PHE A 385 -18.50 -44.43 -40.57
N THR A 386 -18.18 -45.71 -40.83
CA THR A 386 -16.92 -46.05 -41.48
C THR A 386 -16.87 -45.45 -42.88
N ARG A 387 -17.95 -45.59 -43.64
CA ARG A 387 -18.00 -45.04 -44.98
C ARG A 387 -17.98 -43.52 -44.97
N GLY A 388 -18.49 -42.89 -43.91
CA GLY A 388 -18.59 -41.44 -43.87
C GLY A 388 -17.33 -40.73 -43.44
N ILE A 389 -16.38 -41.43 -42.84
CA ILE A 389 -15.11 -40.79 -42.48
C ILE A 389 -14.07 -41.16 -43.54
N LEU A 390 -14.20 -42.36 -44.11
CA LEU A 390 -13.22 -42.81 -45.09
C LEU A 390 -13.53 -42.28 -46.48
N THR A 391 -14.77 -42.43 -46.93
CA THR A 391 -15.20 -41.99 -48.26
C THR A 391 -16.48 -41.16 -48.13
N PRO A 392 -16.39 -39.96 -47.56
CA PRO A 392 -17.60 -39.17 -47.34
C PRO A 392 -18.17 -38.63 -48.65
N ARG A 393 -19.48 -38.38 -48.62
CA ARG A 393 -20.18 -37.79 -49.76
C ARG A 393 -20.12 -36.28 -49.68
N ILE A 394 -19.72 -35.64 -50.78
CA ILE A 394 -19.66 -34.18 -50.88
C ILE A 394 -20.62 -33.76 -51.99
N LYS A 395 -21.48 -32.79 -51.70
CA LYS A 395 -22.50 -32.35 -52.66
C LYS A 395 -21.83 -31.53 -53.75
N VAL A 396 -21.82 -32.06 -54.98
CA VAL A 396 -21.23 -31.39 -56.13
C VAL A 396 -22.36 -31.15 -57.14
N GLY A 397 -22.70 -29.88 -57.36
CA GLY A 397 -23.77 -29.54 -58.28
C GLY A 397 -25.16 -29.81 -57.75
N ARG A 398 -25.50 -31.11 -57.64
CA ARG A 398 -26.85 -31.54 -57.34
C ARG A 398 -26.85 -32.93 -56.72
N ASP A 399 -25.70 -33.61 -56.80
CA ASP A 399 -25.57 -35.00 -56.40
C ASP A 399 -24.48 -35.13 -55.34
N TYR A 400 -24.59 -36.19 -54.56
CA TYR A 400 -23.58 -36.52 -53.56
C TYR A 400 -22.48 -37.33 -54.26
N VAL A 401 -21.23 -36.85 -54.15
CA VAL A 401 -20.09 -37.51 -54.76
C VAL A 401 -19.15 -37.95 -53.65
N GLN A 402 -18.90 -39.25 -53.57
CA GLN A 402 -17.96 -39.80 -52.60
C GLN A 402 -16.54 -39.41 -52.96
N LYS A 403 -15.80 -38.91 -51.97
CA LYS A 403 -14.43 -38.48 -52.16
C LYS A 403 -13.52 -39.22 -51.19
N ALA A 404 -12.30 -39.50 -51.64
CA ALA A 404 -11.32 -40.17 -50.80
C ALA A 404 -10.90 -39.26 -49.64
N GLN A 405 -10.24 -39.88 -48.66
CA GLN A 405 -9.69 -39.15 -47.52
C GLN A 405 -8.36 -39.79 -47.14
N THR A 406 -7.36 -38.96 -46.88
CA THR A 406 -6.08 -39.47 -46.40
C THR A 406 -6.17 -39.77 -44.91
N LYS A 407 -5.11 -40.39 -44.38
CA LYS A 407 -5.07 -40.63 -42.95
C LYS A 407 -5.11 -39.33 -42.16
N GLU A 408 -4.42 -38.30 -42.65
CA GLU A 408 -4.41 -37.01 -41.97
C GLU A 408 -5.79 -36.38 -41.98
N GLN A 409 -6.47 -36.42 -43.13
CA GLN A 409 -7.83 -35.87 -43.20
C GLN A 409 -8.78 -36.64 -42.31
N ALA A 410 -8.66 -37.97 -42.31
CA ALA A 410 -9.54 -38.79 -41.48
C ALA A 410 -9.28 -38.57 -40.00
N ASP A 411 -8.01 -38.38 -39.63
CA ASP A 411 -7.67 -38.13 -38.23
C ASP A 411 -8.21 -36.79 -37.76
N PHE A 412 -8.01 -35.73 -38.56
CA PHE A 412 -8.54 -34.41 -38.19
C PHE A 412 -10.05 -34.40 -38.13
N ALA A 413 -10.71 -35.20 -38.98
CA ALA A 413 -12.16 -35.29 -38.95
C ALA A 413 -12.64 -35.95 -37.66
N ILE A 414 -11.97 -37.03 -37.24
CA ILE A 414 -12.34 -37.69 -35.99
C ILE A 414 -12.08 -36.77 -34.81
N GLU A 415 -10.97 -36.02 -34.84
CA GLU A 415 -10.69 -35.10 -33.75
C GLU A 415 -11.68 -33.94 -33.73
N ALA A 416 -12.05 -33.44 -34.91
CA ALA A 416 -13.04 -32.37 -34.97
C ALA A 416 -14.42 -32.85 -34.53
N LEU A 417 -14.72 -34.12 -34.77
CA LEU A 417 -16.00 -34.69 -34.33
C LEU A 417 -16.05 -34.80 -32.81
N ALA A 418 -14.93 -35.18 -32.19
CA ALA A 418 -14.88 -35.28 -30.73
C ALA A 418 -14.96 -33.89 -30.08
N LYS A 419 -14.23 -32.92 -30.64
CA LYS A 419 -14.26 -31.57 -30.10
C LYS A 419 -15.64 -30.95 -30.23
N ALA A 420 -16.31 -31.17 -31.37
CA ALA A 420 -17.63 -30.59 -31.58
C ALA A 420 -18.68 -31.27 -30.69
N THR A 421 -18.57 -32.58 -30.50
CA THR A 421 -19.53 -33.28 -29.66
C THR A 421 -19.43 -32.84 -28.21
N TYR A 422 -18.20 -32.70 -27.69
CA TYR A 422 -18.04 -32.28 -26.31
C TYR A 422 -18.57 -30.87 -26.09
N GLU A 423 -18.33 -29.98 -27.06
CA GLU A 423 -18.86 -28.62 -26.94
C GLU A 423 -20.39 -28.63 -26.97
N ARG A 424 -20.98 -29.42 -27.86
CA ARG A 424 -22.44 -29.51 -27.90
C ARG A 424 -22.98 -30.12 -26.61
N MET A 425 -22.28 -31.11 -26.06
CA MET A 425 -22.70 -31.68 -24.78
C MET A 425 -22.59 -30.65 -23.67
N PHE A 426 -21.53 -29.85 -23.67
CA PHE A 426 -21.38 -28.82 -22.65
C PHE A 426 -22.49 -27.77 -22.76
N ARG A 427 -22.70 -27.24 -23.96
CA ARG A 427 -23.73 -26.21 -24.14
C ARG A 427 -25.11 -26.76 -23.79
N TRP A 428 -25.38 -28.03 -24.10
CA TRP A 428 -26.64 -28.64 -23.67
C TRP A 428 -26.75 -28.64 -22.15
N LEU A 429 -25.64 -28.93 -21.47
CA LEU A 429 -25.66 -28.98 -20.01
C LEU A 429 -25.93 -27.59 -19.43
N VAL A 430 -25.35 -26.55 -20.03
CA VAL A 430 -25.65 -25.19 -19.61
C VAL A 430 -27.13 -24.88 -19.83
N LEU A 431 -27.68 -25.31 -20.97
CA LEU A 431 -29.11 -25.12 -21.19
C LEU A 431 -29.94 -25.92 -20.20
N ARG A 432 -29.47 -27.11 -19.83
CA ARG A 432 -30.20 -27.93 -18.87
C ARG A 432 -30.20 -27.29 -17.48
N ILE A 433 -29.08 -26.65 -17.12
CA ILE A 433 -28.99 -25.98 -15.82
C ILE A 433 -29.86 -24.73 -15.80
N ASN A 434 -29.89 -23.99 -16.90
CA ASN A 434 -30.78 -22.84 -16.99
C ASN A 434 -32.24 -23.25 -16.91
N LYS A 435 -32.56 -24.46 -17.39
CA LYS A 435 -33.92 -24.96 -17.23
C LYS A 435 -34.29 -25.12 -15.76
N ALA A 436 -33.32 -25.45 -14.91
CA ALA A 436 -33.56 -25.48 -13.47
C ALA A 436 -33.57 -24.07 -12.88
N LEU A 437 -32.60 -23.25 -13.25
CA LEU A 437 -32.52 -21.88 -12.76
C LEU A 437 -33.69 -21.04 -13.25
N ASP A 438 -33.67 -20.68 -14.53
CA ASP A 438 -34.73 -19.87 -15.12
C ASP A 438 -36.00 -20.71 -15.30
N LYS A 439 -36.60 -21.14 -14.18
CA LYS A 439 -37.77 -22.00 -14.24
C LYS A 439 -39.03 -21.23 -14.61
N THR A 440 -39.14 -19.98 -14.17
CA THR A 440 -40.32 -19.18 -14.46
C THR A 440 -40.22 -18.46 -15.80
N LYS A 441 -39.00 -18.10 -16.22
CA LYS A 441 -38.77 -17.36 -17.46
C LYS A 441 -39.50 -16.01 -17.42
N ARG A 442 -39.34 -15.30 -16.30
CA ARG A 442 -40.07 -14.04 -16.09
C ARG A 442 -39.71 -12.99 -17.13
N GLN A 443 -38.56 -13.12 -17.80
CA GLN A 443 -38.13 -12.19 -18.83
C GLN A 443 -38.06 -10.77 -18.29
N GLY A 444 -36.93 -10.40 -17.70
CA GLY A 444 -36.78 -9.10 -17.10
C GLY A 444 -36.40 -8.02 -18.10
N ALA A 445 -36.54 -6.77 -17.64
CA ALA A 445 -36.24 -5.62 -18.50
C ALA A 445 -34.76 -5.28 -18.55
N SER A 446 -33.98 -5.74 -17.56
CA SER A 446 -32.57 -5.44 -17.50
C SER A 446 -31.87 -6.54 -16.73
N PHE A 447 -30.55 -6.61 -16.88
CA PHE A 447 -29.77 -7.60 -16.16
C PHE A 447 -28.45 -7.00 -15.69
N ILE A 448 -27.88 -7.62 -14.67
CA ILE A 448 -26.52 -7.36 -14.22
C ILE A 448 -25.76 -8.68 -14.39
N GLY A 449 -24.77 -8.69 -15.26
CA GLY A 449 -24.03 -9.90 -15.58
C GLY A 449 -22.72 -9.97 -14.83
N ILE A 450 -22.39 -11.16 -14.35
CA ILE A 450 -21.15 -11.42 -13.61
C ILE A 450 -20.31 -12.36 -14.46
N LEU A 451 -19.20 -11.84 -15.00
CA LEU A 451 -18.33 -12.61 -15.89
C LEU A 451 -17.17 -13.19 -15.11
N ASP A 452 -16.96 -14.49 -15.24
CA ASP A 452 -15.88 -15.21 -14.58
C ASP A 452 -15.09 -15.95 -15.66
N ILE A 453 -13.98 -15.36 -16.10
CA ILE A 453 -13.22 -15.89 -17.21
C ILE A 453 -11.79 -16.16 -16.73
N ALA A 454 -11.17 -17.17 -17.34
CA ALA A 454 -9.76 -17.46 -17.09
C ALA A 454 -8.91 -16.27 -17.53
N GLY A 455 -8.18 -15.69 -16.58
CA GLY A 455 -7.38 -14.53 -16.86
C GLY A 455 -6.15 -14.84 -17.71
N PHE A 456 -5.30 -13.83 -17.85
CA PHE A 456 -4.09 -13.94 -18.65
C PHE A 456 -3.23 -15.11 -18.17
N GLU A 457 -2.63 -15.82 -19.13
CA GLU A 457 -1.81 -16.99 -18.85
C GLU A 457 -0.41 -16.81 -19.42
N ILE A 458 0.60 -16.95 -18.57
CA ILE A 458 2.00 -16.92 -18.98
C ILE A 458 2.67 -18.14 -18.35
N PHE A 459 2.94 -19.15 -19.17
CA PHE A 459 3.61 -20.36 -18.72
C PHE A 459 5.07 -20.33 -19.17
N ASP A 460 5.82 -21.35 -18.76
CA ASP A 460 7.16 -21.53 -19.31
C ASP A 460 7.11 -21.86 -20.79
N LEU A 461 6.05 -22.54 -21.23
CA LEU A 461 5.85 -22.85 -22.64
C LEU A 461 4.42 -22.44 -23.01
N ASN A 462 4.30 -21.37 -23.79
CA ASN A 462 3.01 -20.85 -24.19
C ASN A 462 2.70 -21.33 -25.60
N SER A 463 1.55 -21.99 -25.76
CA SER A 463 1.18 -22.64 -27.00
C SER A 463 -0.02 -21.94 -27.63
N PHE A 464 -0.71 -22.65 -28.52
CA PHE A 464 -1.85 -22.06 -29.22
C PHE A 464 -2.95 -21.67 -28.24
N GLU A 465 -3.16 -22.47 -27.20
CA GLU A 465 -4.20 -22.17 -26.22
C GLU A 465 -3.89 -20.88 -25.48
N GLN A 466 -2.62 -20.66 -25.11
CA GLN A 466 -2.26 -19.43 -24.42
C GLN A 466 -2.42 -18.20 -25.32
N LEU A 467 -2.18 -18.35 -26.62
CA LEU A 467 -2.44 -17.23 -27.53
C LEU A 467 -3.92 -16.89 -27.59
N CYS A 468 -4.78 -17.91 -27.62
CA CYS A 468 -6.22 -17.65 -27.61
C CYS A 468 -6.66 -17.01 -26.30
N ILE A 469 -6.10 -17.48 -25.17
CA ILE A 469 -6.43 -16.89 -23.88
C ILE A 469 -5.96 -15.44 -23.82
N ASN A 470 -4.68 -15.21 -24.13
CA ASN A 470 -4.13 -13.86 -24.05
C ASN A 470 -4.79 -12.94 -25.07
N TYR A 471 -5.25 -13.48 -26.19
CA TYR A 471 -6.04 -12.70 -27.15
C TYR A 471 -7.35 -12.23 -26.54
N THR A 472 -8.04 -13.12 -25.81
CA THR A 472 -9.29 -12.73 -25.15
C THR A 472 -9.06 -11.63 -24.13
N ASN A 473 -8.10 -11.82 -23.21
CA ASN A 473 -7.88 -10.83 -22.17
C ASN A 473 -7.29 -9.54 -22.71
N GLU A 474 -6.65 -9.58 -23.89
CA GLU A 474 -6.20 -8.34 -24.50
C GLU A 474 -7.38 -7.47 -24.91
N LYS A 475 -8.44 -8.10 -25.43
CA LYS A 475 -9.63 -7.34 -25.81
C LYS A 475 -10.48 -6.98 -24.60
N LEU A 476 -10.45 -7.81 -23.54
CA LEU A 476 -11.15 -7.43 -22.32
C LEU A 476 -10.49 -6.24 -21.65
N GLN A 477 -9.15 -6.21 -21.64
CA GLN A 477 -8.45 -5.05 -21.11
C GLN A 477 -8.67 -3.82 -21.98
N GLN A 478 -8.90 -4.01 -23.28
CA GLN A 478 -9.25 -2.89 -24.15
C GLN A 478 -10.65 -2.38 -23.82
N LEU A 479 -11.54 -3.25 -23.38
CA LEU A 479 -12.84 -2.80 -22.88
C LEU A 479 -12.69 -1.94 -21.65
N PHE A 480 -11.71 -2.26 -20.79
CA PHE A 480 -11.45 -1.43 -19.63
C PHE A 480 -10.91 -0.07 -20.04
N ASN A 481 -9.85 -0.05 -20.86
CA ASN A 481 -9.22 1.20 -21.25
C ASN A 481 -10.21 2.14 -21.91
N HIS A 482 -11.10 1.60 -22.75
CA HIS A 482 -12.13 2.44 -23.37
C HIS A 482 -13.12 2.95 -22.34
N THR A 483 -13.53 2.08 -21.40
CA THR A 483 -14.46 2.51 -20.36
C THR A 483 -13.86 3.60 -19.50
N MET A 484 -12.60 3.44 -19.11
CA MET A 484 -11.91 4.50 -18.40
C MET A 484 -11.77 5.74 -19.26
N PHE A 485 -11.61 5.59 -20.57
CA PHE A 485 -11.48 6.75 -21.46
C PHE A 485 -12.76 7.56 -21.48
N ILE A 486 -13.92 6.90 -21.54
CA ILE A 486 -15.19 7.61 -21.58
C ILE A 486 -15.42 8.35 -20.27
N LEU A 487 -15.19 7.68 -19.14
CA LEU A 487 -15.45 8.31 -17.85
C LEU A 487 -14.49 9.46 -17.57
N GLU A 488 -13.21 9.27 -17.91
CA GLU A 488 -12.24 10.34 -17.75
C GLU A 488 -12.59 11.54 -18.62
N GLN A 489 -13.01 11.29 -19.86
CA GLN A 489 -13.44 12.37 -20.74
C GLN A 489 -14.63 13.13 -20.16
N GLU A 490 -15.50 12.43 -19.42
CA GLU A 490 -16.62 13.11 -18.77
C GLU A 490 -16.17 13.97 -17.60
N GLU A 491 -15.06 13.59 -16.95
CA GLU A 491 -14.56 14.37 -15.82
C GLU A 491 -13.88 15.65 -16.27
N TYR A 492 -13.11 15.60 -17.37
CA TYR A 492 -12.44 16.80 -17.86
C TYR A 492 -13.45 17.83 -18.35
N GLN A 493 -14.55 17.39 -18.95
CA GLN A 493 -15.55 18.35 -19.41
C GLN A 493 -16.34 18.94 -18.25
N ARG A 494 -16.53 18.18 -17.17
CA ARG A 494 -17.16 18.74 -15.98
C ARG A 494 -16.30 19.81 -15.34
N GLU A 495 -14.98 19.70 -15.46
CA GLU A 495 -14.05 20.69 -14.93
C GLU A 495 -13.63 21.71 -15.97
N GLY A 496 -14.18 21.65 -17.18
CA GLY A 496 -13.83 22.61 -18.21
C GLY A 496 -12.42 22.49 -18.75
N ILE A 497 -11.72 21.40 -18.46
CA ILE A 497 -10.36 21.19 -18.93
C ILE A 497 -10.40 20.55 -20.31
N GLU A 498 -9.59 21.06 -21.22
CA GLU A 498 -9.61 20.58 -22.59
C GLU A 498 -9.13 19.13 -22.67
N TRP A 499 -9.80 18.35 -23.51
CA TRP A 499 -9.54 16.92 -23.65
C TRP A 499 -8.79 16.68 -24.96
N ASN A 500 -7.53 16.26 -24.85
CA ASN A 500 -6.66 16.05 -26.00
C ASN A 500 -6.00 14.67 -25.91
N PHE A 501 -6.81 13.63 -25.73
CA PHE A 501 -6.32 12.26 -25.63
C PHE A 501 -7.06 11.38 -26.62
N ILE A 502 -6.32 10.49 -27.26
CA ILE A 502 -6.93 9.47 -28.10
C ILE A 502 -7.43 8.35 -27.21
N ASP A 503 -8.25 7.46 -27.75
CA ASP A 503 -8.87 6.41 -26.94
C ASP A 503 -7.82 5.51 -26.33
N PHE A 504 -7.93 5.27 -25.02
CA PHE A 504 -6.99 4.41 -24.32
C PHE A 504 -7.07 2.97 -24.80
N GLY A 505 -8.21 2.56 -25.36
CA GLY A 505 -8.31 1.23 -25.93
C GLY A 505 -7.52 1.04 -27.20
N LEU A 506 -7.16 2.14 -27.88
CA LEU A 506 -6.37 2.05 -29.09
C LEU A 506 -4.90 1.71 -28.81
N ASP A 507 -4.44 1.88 -27.57
CA ASP A 507 -3.09 1.46 -27.22
C ASP A 507 -2.93 -0.04 -27.35
N LEU A 508 -4.02 -0.79 -27.19
CA LEU A 508 -4.02 -2.25 -27.30
C LEU A 508 -4.43 -2.73 -28.68
N GLN A 509 -4.93 -1.83 -29.53
CA GLN A 509 -5.37 -2.23 -30.87
C GLN A 509 -4.28 -2.87 -31.70
N PRO A 510 -3.05 -2.33 -31.78
CA PRO A 510 -2.04 -3.00 -32.62
C PRO A 510 -1.75 -4.43 -32.21
N CYS A 511 -1.71 -4.72 -30.91
CA CYS A 511 -1.54 -6.11 -30.48
C CYS A 511 -2.74 -6.96 -30.86
N ILE A 512 -3.94 -6.38 -30.81
CA ILE A 512 -5.14 -7.12 -31.20
C ILE A 512 -5.11 -7.41 -32.70
N ASP A 513 -4.81 -6.40 -33.52
CA ASP A 513 -4.73 -6.61 -34.96
C ASP A 513 -3.58 -7.53 -35.34
N LEU A 514 -2.52 -7.55 -34.53
CA LEU A 514 -1.45 -8.51 -34.72
C LEU A 514 -1.96 -9.96 -34.71
N ILE A 515 -3.04 -10.22 -33.98
CA ILE A 515 -3.57 -11.57 -33.83
C ILE A 515 -4.80 -11.80 -34.70
N GLU A 516 -5.74 -10.86 -34.72
CA GLU A 516 -7.06 -11.12 -35.28
C GLU A 516 -7.27 -10.54 -36.67
N LYS A 517 -6.47 -9.57 -37.11
CA LYS A 517 -6.76 -8.88 -38.35
C LYS A 517 -6.82 -9.86 -39.52
N PRO A 518 -7.97 -9.99 -40.23
CA PRO A 518 -8.09 -11.00 -41.30
C PRO A 518 -7.16 -10.71 -42.47
N ALA A 519 -7.30 -9.52 -43.05
CA ALA A 519 -6.45 -9.08 -44.13
C ALA A 519 -5.74 -7.79 -43.77
N GLY A 520 -5.52 -6.93 -44.76
CA GLY A 520 -4.53 -5.90 -44.68
C GLY A 520 -3.18 -6.53 -44.37
N PRO A 521 -2.62 -6.18 -43.21
CA PRO A 521 -1.61 -7.03 -42.59
C PRO A 521 -2.28 -8.21 -41.90
N PRO A 522 -2.24 -9.39 -42.51
CA PRO A 522 -2.95 -10.53 -41.94
C PRO A 522 -2.38 -10.91 -40.58
N GLY A 523 -3.28 -11.24 -39.64
CA GLY A 523 -2.87 -11.58 -38.30
C GLY A 523 -2.27 -12.96 -38.19
N ILE A 524 -1.77 -13.27 -37.00
CA ILE A 524 -1.18 -14.58 -36.76
C ILE A 524 -2.22 -15.68 -36.96
N LEU A 525 -3.46 -15.44 -36.55
CA LEU A 525 -4.50 -16.44 -36.77
C LEU A 525 -4.81 -16.60 -38.25
N ALA A 526 -4.77 -15.50 -39.01
CA ALA A 526 -4.99 -15.60 -40.45
C ALA A 526 -3.83 -16.32 -41.13
N LEU A 527 -2.60 -16.00 -40.75
CA LEU A 527 -1.44 -16.70 -41.30
C LEU A 527 -1.49 -18.19 -40.97
N LEU A 528 -1.93 -18.52 -39.75
CA LEU A 528 -2.05 -19.92 -39.37
C LEU A 528 -3.10 -20.64 -40.20
N ASP A 529 -4.24 -19.98 -40.46
CA ASP A 529 -5.27 -20.59 -41.31
C ASP A 529 -4.71 -20.91 -42.69
N GLU A 530 -3.93 -19.99 -43.26
CA GLU A 530 -3.38 -20.20 -44.59
C GLU A 530 -2.45 -21.40 -44.62
N GLU A 531 -1.60 -21.56 -43.60
CA GLU A 531 -0.72 -22.71 -43.54
C GLU A 531 -1.50 -24.01 -43.35
N CYS A 532 -2.53 -23.97 -42.49
CA CYS A 532 -3.39 -25.14 -42.31
C CYS A 532 -4.07 -25.57 -43.61
N TRP A 533 -4.18 -24.67 -44.59
CA TRP A 533 -4.85 -24.97 -45.84
C TRP A 533 -3.87 -25.33 -46.95
N PHE A 534 -2.56 -25.31 -46.68
CA PHE A 534 -1.59 -25.75 -47.66
C PHE A 534 -1.08 -27.14 -47.33
N PRO A 535 -0.75 -27.93 -48.34
CA PRO A 535 -0.29 -29.31 -48.10
C PRO A 535 1.11 -29.38 -47.49
N LYS A 536 2.09 -28.78 -48.17
CA LYS A 536 3.49 -28.86 -47.75
C LYS A 536 3.78 -28.08 -46.48
N ALA A 537 2.82 -27.32 -45.95
CA ALA A 537 3.09 -26.45 -44.82
C ALA A 537 3.34 -27.25 -43.55
N THR A 538 4.24 -26.72 -42.72
CA THR A 538 4.61 -27.31 -41.43
C THR A 538 4.64 -26.22 -40.37
N ASP A 539 4.98 -26.62 -39.14
CA ASP A 539 5.12 -25.65 -38.07
C ASP A 539 6.27 -24.69 -38.35
N LYS A 540 7.38 -25.20 -38.87
CA LYS A 540 8.50 -24.33 -39.20
C LYS A 540 8.11 -23.32 -40.29
N SER A 541 7.42 -23.79 -41.34
CA SER A 541 7.02 -22.88 -42.41
C SER A 541 6.05 -21.83 -41.91
N PHE A 542 5.23 -22.15 -40.91
CA PHE A 542 4.33 -21.16 -40.34
C PHE A 542 5.12 -20.09 -39.58
N VAL A 543 6.12 -20.49 -38.80
CA VAL A 543 6.94 -19.52 -38.08
C VAL A 543 7.72 -18.65 -39.06
N GLU A 544 8.19 -19.24 -40.16
CA GLU A 544 8.89 -18.47 -41.19
C GLU A 544 8.00 -17.39 -41.77
N LYS A 545 6.72 -17.70 -42.01
CA LYS A 545 5.82 -16.71 -42.55
C LYS A 545 5.47 -15.64 -41.53
N VAL A 546 5.44 -16.00 -40.24
CA VAL A 546 5.18 -15.00 -39.21
C VAL A 546 6.38 -14.08 -39.05
N MET A 547 7.58 -14.64 -39.11
CA MET A 547 8.79 -13.84 -38.94
C MET A 547 8.93 -12.81 -40.07
N GLN A 548 8.75 -13.26 -41.31
CA GLN A 548 9.01 -12.40 -42.46
C GLN A 548 7.89 -11.40 -42.72
N GLU A 549 6.66 -11.74 -42.39
CA GLU A 549 5.52 -10.89 -42.67
C GLU A 549 5.06 -10.06 -41.47
N GLN A 550 5.58 -10.36 -40.28
CA GLN A 550 5.12 -9.69 -39.08
C GLN A 550 6.27 -9.28 -38.16
N GLY A 551 7.52 -9.55 -38.53
CA GLY A 551 8.64 -9.12 -37.72
C GLY A 551 8.75 -7.62 -37.59
N THR A 552 8.09 -6.86 -38.47
CA THR A 552 8.11 -5.41 -38.45
C THR A 552 7.01 -4.82 -37.56
N HIS A 553 6.14 -5.65 -36.99
CA HIS A 553 5.04 -5.14 -36.19
C HIS A 553 5.56 -4.58 -34.87
N PRO A 554 4.96 -3.49 -34.36
CA PRO A 554 5.43 -2.93 -33.08
C PRO A 554 5.32 -3.90 -31.91
N LYS A 555 4.21 -4.64 -31.82
CA LYS A 555 3.98 -5.56 -30.72
C LYS A 555 4.52 -6.96 -31.03
N PHE A 556 5.38 -7.10 -32.02
CA PHE A 556 6.02 -8.36 -32.35
C PHE A 556 7.52 -8.27 -32.05
N GLN A 557 8.07 -9.35 -31.51
CA GLN A 557 9.48 -9.36 -31.13
C GLN A 557 10.03 -10.76 -31.30
N LYS A 558 11.31 -10.83 -31.59
CA LYS A 558 11.99 -12.11 -31.75
C LYS A 558 12.58 -12.56 -30.42
N PRO A 559 12.49 -13.85 -30.10
CA PRO A 559 12.92 -14.32 -28.77
C PRO A 559 14.43 -14.41 -28.66
N LYS A 560 14.91 -14.30 -27.43
CA LYS A 560 16.33 -14.49 -27.11
C LYS A 560 16.49 -15.13 -25.72
N ASP A 564 15.98 -19.62 -25.43
CA ASP A 564 15.59 -19.16 -26.75
C ASP A 564 14.80 -20.24 -27.49
N LYS A 565 14.09 -21.08 -26.72
CA LYS A 565 13.32 -22.16 -27.32
C LYS A 565 12.10 -21.64 -28.07
N ALA A 566 11.48 -20.59 -27.56
CA ALA A 566 10.26 -20.06 -28.13
C ALA A 566 10.47 -19.59 -29.57
N ASP A 567 9.37 -19.51 -30.32
CA ASP A 567 9.44 -19.14 -31.72
C ASP A 567 9.28 -17.64 -31.95
N PHE A 568 8.36 -17.00 -31.24
CA PHE A 568 8.14 -15.57 -31.40
C PHE A 568 7.50 -15.02 -30.13
N CYS A 569 7.60 -13.71 -29.97
CA CYS A 569 7.11 -13.01 -28.78
C CYS A 569 6.07 -11.98 -29.19
N ILE A 570 5.10 -11.77 -28.30
CA ILE A 570 4.04 -10.78 -28.49
C ILE A 570 4.04 -9.85 -27.29
N ILE A 571 3.92 -8.55 -27.56
CA ILE A 571 3.94 -7.53 -26.50
C ILE A 571 2.49 -7.29 -26.12
N HIS A 572 2.02 -8.02 -25.12
CA HIS A 572 0.69 -7.80 -24.57
C HIS A 572 0.73 -6.67 -23.56
N TYR A 573 -0.45 -6.26 -23.08
CA TYR A 573 -0.50 -5.29 -21.99
C TYR A 573 0.17 -5.84 -20.74
N ALA A 574 0.14 -7.16 -20.57
CA ALA A 574 0.79 -7.82 -19.43
C ALA A 574 2.28 -8.00 -19.63
N GLY A 575 2.85 -7.38 -20.67
CA GLY A 575 4.26 -7.49 -20.96
C GLY A 575 4.52 -8.45 -22.10
N LYS A 576 5.80 -8.67 -22.36
CA LYS A 576 6.19 -9.57 -23.43
C LYS A 576 5.92 -11.02 -23.06
N VAL A 577 5.34 -11.76 -24.00
CA VAL A 577 5.02 -13.17 -23.80
C VAL A 577 5.65 -13.96 -24.95
N ASP A 578 6.45 -14.97 -24.62
CA ASP A 578 7.05 -15.83 -25.63
C ASP A 578 6.10 -16.96 -25.98
N TYR A 579 6.11 -17.35 -27.25
CA TYR A 579 5.24 -18.41 -27.75
C TYR A 579 6.07 -19.44 -28.52
N LYS A 580 5.62 -20.69 -28.45
CA LYS A 580 6.25 -21.79 -29.17
C LYS A 580 5.21 -22.40 -30.09
N ALA A 581 5.42 -22.27 -31.40
CA ALA A 581 4.44 -22.71 -32.40
C ALA A 581 4.50 -24.20 -32.70
N ASP A 582 4.74 -25.03 -31.69
CA ASP A 582 4.78 -26.47 -31.88
C ASP A 582 3.36 -27.03 -31.94
N GLU A 583 3.07 -27.77 -33.00
CA GLU A 583 1.78 -28.43 -33.21
C GLU A 583 0.63 -27.43 -33.40
N TRP A 584 0.93 -26.19 -33.80
CA TRP A 584 -0.14 -25.22 -33.98
C TRP A 584 -1.00 -25.52 -35.20
N LEU A 585 -0.41 -26.08 -36.25
CA LEU A 585 -1.19 -26.47 -37.42
C LEU A 585 -2.26 -27.48 -37.05
N MET A 586 -1.85 -28.59 -36.42
CA MET A 586 -2.84 -29.61 -36.07
C MET A 586 -3.83 -29.10 -35.03
N LYS A 587 -3.40 -28.19 -34.15
CA LYS A 587 -4.29 -27.62 -33.16
C LYS A 587 -5.33 -26.70 -33.79
N ASN A 588 -4.96 -26.05 -34.90
CA ASN A 588 -5.88 -25.13 -35.55
C ASN A 588 -6.88 -25.85 -36.46
N MET A 589 -6.59 -27.08 -36.86
CA MET A 589 -7.51 -27.82 -37.72
C MET A 589 -8.80 -28.12 -37.00
N ASP A 590 -9.92 -27.86 -37.66
CA ASP A 590 -11.23 -28.16 -37.10
C ASP A 590 -12.24 -28.48 -38.20
N PRO A 591 -11.95 -29.43 -39.10
CA PRO A 591 -12.87 -29.68 -40.21
C PRO A 591 -14.00 -30.64 -39.86
N LEU A 592 -15.22 -30.14 -39.78
CA LEU A 592 -16.35 -30.99 -39.42
C LEU A 592 -16.82 -31.76 -40.64
N ASN A 593 -16.86 -33.09 -40.53
CA ASN A 593 -17.36 -33.96 -41.59
C ASN A 593 -18.87 -33.85 -41.63
N ASP A 594 -19.39 -33.09 -42.60
CA ASP A 594 -20.83 -32.89 -42.74
C ASP A 594 -21.58 -34.20 -42.96
N ASN A 595 -20.91 -35.24 -43.46
CA ASN A 595 -21.54 -36.54 -43.57
C ASN A 595 -21.82 -37.13 -42.18
N ILE A 596 -20.82 -37.11 -41.31
CA ILE A 596 -20.99 -37.66 -39.97
C ILE A 596 -21.91 -36.76 -39.14
N ALA A 597 -21.84 -35.45 -39.35
CA ALA A 597 -22.75 -34.55 -38.64
C ALA A 597 -24.20 -34.87 -38.96
N THR A 598 -24.49 -35.30 -40.19
CA THR A 598 -25.84 -35.73 -40.54
C THR A 598 -26.18 -37.04 -39.85
N LEU A 599 -25.23 -37.97 -39.79
CA LEU A 599 -25.45 -39.22 -39.07
C LEU A 599 -25.75 -38.96 -37.59
N LEU A 600 -24.99 -38.05 -36.97
CA LEU A 600 -25.23 -37.75 -35.55
C LEU A 600 -26.53 -36.97 -35.37
N HIS A 601 -26.87 -36.12 -36.33
CA HIS A 601 -28.16 -35.43 -36.29
C HIS A 601 -29.30 -36.42 -36.35
N GLN A 602 -29.13 -37.50 -37.11
CA GLN A 602 -30.11 -38.58 -37.25
C GLN A 602 -29.81 -39.76 -36.33
N SER A 603 -29.19 -39.49 -35.18
CA SER A 603 -28.84 -40.57 -34.25
C SER A 603 -30.10 -41.22 -33.69
N SER A 604 -29.99 -42.52 -33.44
CA SER A 604 -31.07 -43.22 -32.75
C SER A 604 -31.08 -42.92 -31.26
N ASP A 605 -29.93 -42.54 -30.70
CA ASP A 605 -29.85 -42.15 -29.30
C ASP A 605 -30.53 -40.79 -29.11
N LYS A 606 -31.52 -40.73 -28.21
CA LYS A 606 -32.27 -39.50 -28.03
C LYS A 606 -31.41 -38.37 -27.48
N PHE A 607 -30.41 -38.69 -26.66
CA PHE A 607 -29.54 -37.66 -26.12
C PHE A 607 -28.60 -37.12 -27.20
N VAL A 608 -27.93 -38.01 -27.93
CA VAL A 608 -27.05 -37.58 -29.00
C VAL A 608 -27.84 -36.80 -30.05
N SER A 609 -29.04 -37.26 -30.36
CA SER A 609 -29.90 -36.53 -31.28
C SER A 609 -30.20 -35.13 -30.77
N GLU A 610 -30.32 -34.97 -29.46
CA GLU A 610 -30.57 -33.65 -28.89
C GLU A 610 -29.33 -32.76 -28.99
N LEU A 611 -28.14 -33.35 -28.85
CA LEU A 611 -26.91 -32.58 -28.99
C LEU A 611 -26.71 -32.09 -30.42
N TRP A 612 -27.19 -32.85 -31.40
CA TRP A 612 -26.98 -32.51 -32.80
C TRP A 612 -28.28 -32.18 -33.52
N LYS A 613 -29.13 -31.36 -32.89
CA LYS A 613 -30.37 -30.98 -33.55
C LYS A 613 -30.19 -29.79 -34.48
N ASP A 614 -29.18 -28.95 -34.24
CA ASP A 614 -28.87 -27.79 -35.07
C ASP A 614 -27.56 -28.07 -35.78
N VAL A 615 -27.65 -28.63 -36.98
CA VAL A 615 -26.47 -28.97 -37.77
C VAL A 615 -26.48 -28.20 -39.09
N ASP A 616 -25.54 -28.50 -39.98
CA ASP A 616 -25.41 -27.83 -41.27
C ASP A 616 -25.36 -26.31 -41.14
N MET A 642 -13.61 -29.26 -45.06
CA MET A 642 -14.08 -28.05 -44.40
C MET A 642 -12.93 -27.08 -44.14
N PHE A 643 -12.99 -25.90 -44.76
CA PHE A 643 -12.05 -24.82 -44.47
C PHE A 643 -12.45 -24.11 -43.17
N ARG A 644 -12.38 -24.87 -42.08
CA ARG A 644 -12.92 -24.49 -40.78
C ARG A 644 -11.82 -24.68 -39.74
N THR A 645 -11.47 -23.61 -39.04
CA THR A 645 -10.34 -23.64 -38.13
C THR A 645 -10.77 -23.25 -36.72
N VAL A 646 -9.99 -23.69 -35.74
CA VAL A 646 -10.25 -23.32 -34.36
C VAL A 646 -10.05 -21.82 -34.16
N GLY A 647 -9.02 -21.27 -34.81
CA GLY A 647 -8.75 -19.85 -34.67
C GLY A 647 -9.90 -18.98 -35.18
N GLN A 648 -10.44 -19.32 -36.35
CA GLN A 648 -11.56 -18.54 -36.86
C GLN A 648 -12.80 -18.74 -36.00
N LEU A 649 -13.00 -19.96 -35.50
CA LEU A 649 -14.14 -20.22 -34.61
C LEU A 649 -13.96 -19.52 -33.28
N TYR A 650 -12.71 -19.32 -32.84
CA TYR A 650 -12.47 -18.60 -31.60
C TYR A 650 -12.78 -17.12 -31.74
N LYS A 651 -12.40 -16.51 -32.87
CA LYS A 651 -12.69 -15.09 -33.08
C LYS A 651 -14.18 -14.81 -33.01
N GLU A 652 -15.00 -15.70 -33.58
CA GLU A 652 -16.44 -15.47 -33.59
C GLU A 652 -17.03 -15.62 -32.20
N GLN A 653 -16.57 -16.63 -31.45
CA GLN A 653 -17.04 -16.80 -30.08
C GLN A 653 -16.69 -15.58 -29.23
N LEU A 654 -15.44 -15.11 -29.33
CA LEU A 654 -15.05 -13.90 -28.61
C LEU A 654 -15.84 -12.69 -29.07
N ALA A 655 -16.15 -12.61 -30.37
CA ALA A 655 -16.95 -11.50 -30.87
C ALA A 655 -18.37 -11.55 -30.30
N LYS A 656 -18.93 -12.75 -30.13
CA LYS A 656 -20.23 -12.86 -29.46
C LYS A 656 -20.15 -12.37 -28.03
N LEU A 657 -19.03 -12.63 -27.35
CA LEU A 657 -18.87 -12.16 -25.98
C LEU A 657 -18.68 -10.65 -25.94
N MET A 658 -17.75 -10.12 -26.74
CA MET A 658 -17.48 -8.68 -26.72
C MET A 658 -18.71 -7.88 -27.14
N ALA A 659 -19.56 -8.44 -28.01
CA ALA A 659 -20.81 -7.77 -28.33
C ALA A 659 -21.73 -7.72 -27.12
N THR A 660 -21.79 -8.82 -26.35
CA THR A 660 -22.60 -8.83 -25.14
C THR A 660 -22.12 -7.79 -24.14
N LEU A 661 -20.80 -7.64 -24.01
CA LEU A 661 -20.25 -6.74 -22.99
C LEU A 661 -20.34 -5.28 -23.41
N ARG A 662 -20.07 -4.98 -24.68
CA ARG A 662 -20.11 -3.59 -25.13
C ARG A 662 -21.52 -3.01 -25.11
N ASN A 663 -22.54 -3.84 -24.93
CA ASN A 663 -23.92 -3.36 -24.79
C ASN A 663 -24.32 -3.23 -23.34
N THR A 664 -23.37 -3.31 -22.42
CA THR A 664 -23.59 -3.11 -20.99
C THR A 664 -22.63 -2.05 -20.47
N ASN A 665 -22.90 -1.58 -19.26
CA ASN A 665 -21.94 -0.74 -18.54
C ASN A 665 -20.98 -1.65 -17.77
N PRO A 666 -19.68 -1.62 -18.08
CA PRO A 666 -18.76 -2.60 -17.47
C PRO A 666 -18.18 -2.17 -16.14
N ASN A 667 -18.19 -3.10 -15.18
CA ASN A 667 -17.51 -2.93 -13.90
C ASN A 667 -16.45 -4.01 -13.77
N PHE A 668 -15.41 -3.73 -12.98
CA PHE A 668 -14.22 -4.58 -12.97
C PHE A 668 -13.79 -4.86 -11.54
N VAL A 669 -13.67 -6.15 -11.20
CA VAL A 669 -13.27 -6.60 -9.88
C VAL A 669 -12.10 -7.56 -10.05
N ARG A 670 -11.02 -7.34 -9.30
CA ARG A 670 -9.79 -8.10 -9.44
C ARG A 670 -9.55 -8.90 -8.17
N CYS A 671 -9.71 -10.22 -8.27
CA CYS A 671 -9.46 -11.11 -7.15
C CYS A 671 -8.03 -11.61 -7.22
N ILE A 672 -7.30 -11.45 -6.12
CA ILE A 672 -5.88 -11.75 -6.08
C ILE A 672 -5.62 -12.80 -5.00
N ILE A 673 -4.81 -13.79 -5.34
CA ILE A 673 -4.36 -14.78 -4.35
C ILE A 673 -3.20 -14.19 -3.57
N PRO A 674 -3.23 -14.23 -2.23
CA PRO A 674 -2.11 -13.68 -1.46
C PRO A 674 -0.94 -14.63 -1.32
N ASN A 675 -1.21 -15.93 -1.32
CA ASN A 675 -0.18 -16.95 -1.14
C ASN A 675 -0.71 -18.27 -1.64
N HIS A 676 0.22 -19.19 -1.93
CA HIS A 676 -0.14 -20.50 -2.47
C HIS A 676 -0.54 -21.50 -1.39
N GLU A 677 -0.47 -21.13 -0.12
CA GLU A 677 -0.74 -22.04 0.98
C GLU A 677 -2.11 -21.82 1.62
N LYS A 678 -2.95 -20.98 0.99
CA LYS A 678 -4.27 -20.63 1.52
C LYS A 678 -4.21 -20.14 2.96
N LYS A 679 -3.08 -19.55 3.36
CA LYS A 679 -2.91 -19.03 4.71
C LYS A 679 -3.49 -17.61 4.80
N ALA A 680 -3.81 -17.22 6.02
CA ALA A 680 -4.32 -15.88 6.29
C ALA A 680 -3.21 -14.99 6.84
N GLY A 681 -3.27 -13.71 6.48
CA GLY A 681 -2.28 -12.78 6.97
C GLY A 681 -0.88 -12.99 6.45
N LYS A 682 -0.71 -13.80 5.42
CA LYS A 682 0.58 -13.98 4.75
C LYS A 682 0.44 -13.50 3.31
N LEU A 683 1.41 -12.71 2.86
CA LEU A 683 1.38 -12.12 1.54
C LEU A 683 2.64 -12.51 0.79
N ASP A 684 2.46 -13.07 -0.41
CA ASP A 684 3.58 -13.42 -1.28
C ASP A 684 3.80 -12.26 -2.24
N PRO A 685 4.84 -11.44 -2.06
CA PRO A 685 4.96 -10.22 -2.90
C PRO A 685 5.13 -10.50 -4.37
N HIS A 686 5.88 -11.55 -4.74
CA HIS A 686 6.05 -11.85 -6.15
C HIS A 686 4.80 -12.47 -6.76
N LEU A 687 4.08 -13.29 -5.98
CA LEU A 687 2.80 -13.81 -6.45
C LEU A 687 1.80 -12.68 -6.70
N VAL A 688 1.75 -11.70 -5.80
CA VAL A 688 0.87 -10.56 -6.00
C VAL A 688 1.33 -9.72 -7.18
N LEU A 689 2.64 -9.48 -7.28
CA LEU A 689 3.18 -8.72 -8.41
C LEU A 689 2.85 -9.41 -9.73
N ASP A 690 3.01 -10.73 -9.81
CA ASP A 690 2.68 -11.44 -11.04
C ASP A 690 1.23 -11.22 -11.43
N GLN A 691 0.30 -11.34 -10.47
CA GLN A 691 -1.10 -11.14 -10.77
C GLN A 691 -1.39 -9.69 -11.16
N LEU A 692 -0.71 -8.74 -10.52
CA LEU A 692 -0.93 -7.34 -10.86
C LEU A 692 -0.50 -7.04 -12.29
N ARG A 693 0.53 -7.73 -12.78
CA ARG A 693 0.97 -7.52 -14.16
C ARG A 693 -0.01 -8.15 -15.16
N CYS A 694 -0.74 -9.19 -14.75
CA CYS A 694 -1.64 -9.91 -15.65
C CYS A 694 -3.05 -9.32 -15.70
N ASN A 695 -3.61 -8.96 -14.55
CA ASN A 695 -5.02 -8.58 -14.51
C ASN A 695 -5.29 -7.18 -15.06
N GLY A 696 -4.26 -6.50 -15.56
CA GLY A 696 -4.44 -5.17 -16.10
C GLY A 696 -4.49 -4.06 -15.08
N VAL A 697 -4.32 -4.35 -13.78
CA VAL A 697 -4.25 -3.28 -12.79
C VAL A 697 -3.13 -2.32 -13.14
N LEU A 698 -1.95 -2.85 -13.43
CA LEU A 698 -0.83 -2.00 -13.81
C LEU A 698 -1.04 -1.32 -15.16
N GLU A 699 -1.93 -1.87 -16.01
CA GLU A 699 -2.22 -1.21 -17.28
C GLU A 699 -3.04 0.05 -17.06
N GLY A 700 -4.03 0.00 -16.18
CA GLY A 700 -4.73 1.21 -15.79
C GLY A 700 -3.81 2.21 -15.09
N ILE A 701 -2.86 1.70 -14.29
CA ILE A 701 -1.91 2.60 -13.62
C ILE A 701 -1.02 3.29 -14.65
N ARG A 702 -0.70 2.59 -15.74
CA ARG A 702 0.06 3.22 -16.81
C ARG A 702 -0.71 4.35 -17.47
N ILE A 703 -2.03 4.18 -17.60
CA ILE A 703 -2.84 5.18 -18.32
C ILE A 703 -2.87 6.49 -17.54
N CYS A 704 -3.38 6.47 -16.31
CA CYS A 704 -3.50 7.72 -15.59
C CYS A 704 -2.13 8.29 -15.22
N ARG A 705 -1.08 7.48 -15.25
CA ARG A 705 0.27 8.03 -15.11
C ARG A 705 0.63 8.94 -16.28
N GLN A 706 0.02 8.73 -17.45
CA GLN A 706 0.32 9.54 -18.62
C GLN A 706 -0.53 10.80 -18.68
N GLY A 707 -1.59 10.89 -17.89
CA GLY A 707 -2.45 12.06 -17.90
C GLY A 707 -2.28 12.93 -16.66
N PHE A 708 -3.40 13.36 -16.10
CA PHE A 708 -3.43 14.21 -14.90
C PHE A 708 -4.23 13.47 -13.83
N PRO A 709 -3.59 12.62 -13.03
CA PRO A 709 -4.33 11.71 -12.16
C PRO A 709 -4.63 12.22 -10.75
N ASN A 710 -3.90 13.21 -10.25
CA ASN A 710 -4.04 13.67 -8.87
C ASN A 710 -4.80 14.99 -8.86
N ARG A 711 -6.13 14.91 -8.80
CA ARG A 711 -6.97 16.09 -8.81
C ARG A 711 -7.15 16.61 -7.38
N VAL A 712 -6.93 17.91 -7.18
CA VAL A 712 -6.91 18.52 -5.85
C VAL A 712 -7.87 19.69 -5.83
N VAL A 713 -8.71 19.75 -4.80
CA VAL A 713 -9.67 20.85 -4.68
C VAL A 713 -8.93 22.13 -4.29
N PHE A 714 -9.48 23.27 -4.73
CA PHE A 714 -8.81 24.55 -4.57
C PHE A 714 -8.44 24.82 -3.12
N GLN A 715 -9.42 24.76 -2.20
CA GLN A 715 -9.14 25.06 -0.80
C GLN A 715 -8.15 24.08 -0.19
N GLU A 716 -8.19 22.82 -0.63
CA GLU A 716 -7.25 21.84 -0.07
C GLU A 716 -5.84 22.11 -0.56
N PHE A 717 -5.69 22.46 -1.84
CA PHE A 717 -4.36 22.73 -2.37
C PHE A 717 -3.72 23.91 -1.66
N ARG A 718 -4.48 24.99 -1.45
CA ARG A 718 -3.92 26.15 -0.76
C ARG A 718 -3.57 25.83 0.69
N GLN A 719 -4.44 25.12 1.39
CA GLN A 719 -4.17 24.82 2.79
C GLN A 719 -2.91 23.97 2.94
N ARG A 720 -2.67 23.05 2.00
CA ARG A 720 -1.54 22.14 2.13
C ARG A 720 -0.21 22.82 1.81
N TYR A 721 -0.16 23.61 0.73
CA TYR A 721 1.11 24.07 0.18
C TYR A 721 1.24 25.60 0.23
N GLU A 722 0.58 26.26 1.18
CA GLU A 722 0.77 27.70 1.31
C GLU A 722 2.08 28.05 1.99
N ILE A 723 2.71 27.09 2.67
CA ILE A 723 4.01 27.35 3.28
C ILE A 723 5.07 27.54 2.19
N LEU A 724 4.85 26.96 1.01
CA LEU A 724 5.73 27.19 -0.13
C LEU A 724 5.46 28.52 -0.82
N THR A 725 4.30 29.11 -0.56
CA THR A 725 3.86 30.34 -1.23
C THR A 725 3.29 31.24 -0.14
N PRO A 726 4.16 31.91 0.61
CA PRO A 726 3.69 32.62 1.81
C PRO A 726 3.27 34.06 1.55
N ASN A 727 3.84 34.71 0.54
CA ASN A 727 3.63 36.13 0.31
C ASN A 727 3.07 36.42 -1.08
N SER A 728 2.32 35.46 -1.64
CA SER A 728 1.70 35.65 -2.96
C SER A 728 0.18 35.70 -2.91
N ILE A 729 -0.42 35.49 -1.75
CA ILE A 729 -1.87 35.56 -1.59
C ILE A 729 -2.18 36.69 -0.60
N PRO A 730 -2.93 37.71 -1.00
CA PRO A 730 -3.34 38.75 -0.05
C PRO A 730 -4.16 38.18 1.09
N LYS A 731 -4.27 38.97 2.16
CA LYS A 731 -4.89 38.47 3.38
C LYS A 731 -6.41 38.40 3.28
N GLY A 732 -7.04 39.28 2.52
CA GLY A 732 -8.48 39.22 2.42
C GLY A 732 -8.95 38.56 1.14
N PHE A 733 -8.21 37.55 0.68
CA PHE A 733 -8.47 36.95 -0.63
C PHE A 733 -9.53 35.87 -0.50
N MET A 734 -10.58 35.97 -1.32
CA MET A 734 -11.73 35.08 -1.26
C MET A 734 -11.75 34.05 -2.39
N ASP A 735 -11.44 34.46 -3.63
CA ASP A 735 -11.48 33.55 -4.77
C ASP A 735 -10.46 32.43 -4.61
N GLY A 736 -10.95 31.24 -4.24
CA GLY A 736 -10.06 30.11 -4.05
C GLY A 736 -9.40 29.63 -5.33
N LYS A 737 -10.06 29.84 -6.47
CA LYS A 737 -9.48 29.42 -7.74
C LYS A 737 -8.29 30.30 -8.10
N GLN A 738 -8.44 31.62 -7.95
CA GLN A 738 -7.34 32.52 -8.28
C GLN A 738 -6.19 32.40 -7.29
N ALA A 739 -6.48 31.95 -6.06
CA ALA A 739 -5.42 31.73 -5.10
C ALA A 739 -4.47 30.62 -5.56
N CYS A 740 -5.02 29.55 -6.14
CA CYS A 740 -4.19 28.49 -6.67
C CYS A 740 -3.40 28.96 -7.88
N VAL A 741 -3.98 29.83 -8.70
CA VAL A 741 -3.25 30.42 -9.82
C VAL A 741 -2.06 31.23 -9.30
N LEU A 742 -2.26 31.97 -8.20
CA LEU A 742 -1.17 32.75 -7.62
C LEU A 742 -0.09 31.86 -7.04
N MET A 743 -0.50 30.73 -6.43
CA MET A 743 0.48 29.81 -5.85
C MET A 743 1.28 29.11 -6.93
N ILE A 744 0.60 28.62 -7.97
CA ILE A 744 1.28 27.92 -9.05
C ILE A 744 2.20 28.86 -9.81
N LYS A 745 1.80 30.12 -9.98
CA LYS A 745 2.66 31.10 -10.62
C LYS A 745 3.88 31.42 -9.75
N ALA A 746 3.75 31.30 -8.42
CA ALA A 746 4.88 31.53 -7.53
C ALA A 746 5.85 30.35 -7.51
N LEU A 747 5.46 29.20 -8.05
CA LEU A 747 6.29 28.00 -8.01
C LEU A 747 6.98 27.72 -9.34
N GLU A 748 6.71 28.53 -10.37
CA GLU A 748 7.26 28.35 -11.71
C GLU A 748 7.00 26.93 -12.24
N LEU A 749 5.90 26.31 -11.83
CA LEU A 749 5.50 25.04 -12.42
C LEU A 749 5.23 25.22 -13.91
N ASP A 750 5.83 24.35 -14.71
CA ASP A 750 5.59 24.38 -16.15
C ASP A 750 4.11 24.14 -16.45
N SER A 751 3.61 24.83 -17.48
CA SER A 751 2.20 24.71 -17.85
C SER A 751 1.80 23.32 -18.27
N ASN A 752 2.76 22.43 -18.52
CA ASN A 752 2.46 21.04 -18.83
C ASN A 752 2.28 20.19 -17.58
N LEU A 753 2.52 20.76 -16.39
CA LEU A 753 2.41 20.01 -15.15
C LEU A 753 1.04 20.09 -14.51
N TYR A 754 0.19 21.02 -14.94
CA TYR A 754 -1.07 21.28 -14.25
C TYR A 754 -2.13 21.72 -15.24
N ARG A 755 -3.40 21.55 -14.83
CA ARG A 755 -4.54 22.09 -15.56
C ARG A 755 -5.52 22.64 -14.54
N ILE A 756 -5.89 23.90 -14.69
CA ILE A 756 -6.85 24.53 -13.78
C ILE A 756 -8.25 24.18 -14.23
N GLY A 757 -9.07 23.68 -13.31
CA GLY A 757 -10.45 23.33 -13.59
C GLY A 757 -11.44 24.30 -12.98
N GLN A 758 -12.66 23.81 -12.78
CA GLN A 758 -13.70 24.61 -12.17
C GLN A 758 -13.71 24.52 -10.65
N SER A 759 -13.42 23.35 -10.10
CA SER A 759 -13.29 23.18 -8.65
C SER A 759 -11.97 22.55 -8.23
N LYS A 760 -11.29 21.83 -9.12
CA LYS A 760 -10.02 21.17 -8.81
C LYS A 760 -8.94 21.66 -9.76
N VAL A 761 -7.68 21.48 -9.35
CA VAL A 761 -6.53 21.64 -10.22
C VAL A 761 -5.95 20.27 -10.50
N PHE A 762 -5.78 19.93 -11.77
CA PHE A 762 -5.30 18.61 -12.17
C PHE A 762 -3.79 18.66 -12.33
N PHE A 763 -3.08 17.71 -11.71
CA PHE A 763 -1.63 17.66 -11.74
C PHE A 763 -1.13 16.38 -12.40
N ARG A 764 0.03 16.48 -13.04
CA ARG A 764 0.70 15.31 -13.58
C ARG A 764 1.18 14.41 -12.44
N ALA A 765 1.73 13.26 -12.80
CA ALA A 765 2.28 12.36 -11.80
C ALA A 765 3.61 12.91 -11.29
N GLY A 766 3.88 12.70 -10.00
CA GLY A 766 5.09 13.17 -9.38
C GLY A 766 5.08 14.62 -8.94
N VAL A 767 4.14 15.43 -9.41
CA VAL A 767 4.10 16.84 -9.02
C VAL A 767 3.82 16.98 -7.54
N LEU A 768 2.79 16.28 -7.04
CA LEU A 768 2.49 16.33 -5.62
C LEU A 768 3.61 15.70 -4.79
N ALA A 769 4.33 14.74 -5.36
CA ALA A 769 5.48 14.17 -4.66
C ALA A 769 6.54 15.24 -4.40
N HIS A 770 6.84 16.06 -5.40
CA HIS A 770 7.85 17.10 -5.22
C HIS A 770 7.36 18.19 -4.25
N LEU A 771 6.12 18.65 -4.43
CA LEU A 771 5.59 19.67 -3.52
C LEU A 771 5.54 19.15 -2.08
N GLU A 772 5.18 17.88 -1.89
CA GLU A 772 5.22 17.31 -0.55
C GLU A 772 6.64 17.29 0.00
N GLU A 773 7.62 17.00 -0.86
CA GLU A 773 9.02 17.02 -0.43
C GLU A 773 9.44 18.42 0.01
N GLU A 774 9.09 19.43 -0.79
CA GLU A 774 9.42 20.81 -0.42
C GLU A 774 8.62 21.27 0.80
N ARG A 775 7.39 20.75 0.96
CA ARG A 775 6.60 21.10 2.14
C ARG A 775 7.28 20.62 3.41
N ALA A 776 7.72 19.35 3.43
CA ALA A 776 8.48 18.85 4.56
C ALA A 776 9.79 19.59 4.71
N SER A 777 10.44 19.91 3.59
CA SER A 777 11.69 20.65 3.63
C SER A 777 11.49 22.07 4.14
N GLU A 778 10.31 22.65 3.93
CA GLU A 778 10.06 24.01 4.39
C GLU A 778 9.61 24.07 5.83
N GLN A 779 8.83 23.08 6.29
CA GLN A 779 8.37 23.10 7.67
C GLN A 779 9.45 22.67 8.64
N THR A 780 10.42 21.87 8.19
CA THR A 780 11.58 21.61 9.03
C THR A 780 12.48 22.84 9.12
N LYS A 781 12.45 23.70 8.09
CA LYS A 781 13.16 24.97 8.16
C LYS A 781 12.50 25.92 9.15
N SER A 782 11.16 25.97 9.14
CA SER A 782 10.46 26.83 10.11
C SER A 782 10.67 26.34 11.53
N ASP A 783 10.64 25.02 11.74
CA ASP A 783 10.95 24.48 13.06
C ASP A 783 12.36 24.82 13.49
N TYR A 784 13.31 24.88 12.55
CA TYR A 784 14.65 25.29 12.89
C TYR A 784 14.70 26.76 13.32
N LEU A 785 14.11 27.64 12.51
CA LEU A 785 14.15 29.07 12.84
C LEU A 785 13.43 29.38 14.14
N LYS A 786 12.27 28.74 14.36
CA LYS A 786 11.54 28.95 15.60
C LYS A 786 12.38 28.51 16.80
N ARG A 787 13.02 27.35 16.71
CA ARG A 787 13.84 26.86 17.82
C ARG A 787 15.11 27.68 17.99
N ALA A 788 15.72 28.10 16.87
CA ALA A 788 16.94 28.88 16.94
C ALA A 788 16.69 30.23 17.61
N ASN A 789 15.58 30.90 17.28
CA ASN A 789 15.26 32.16 17.94
C ASN A 789 15.05 31.96 19.43
N GLU A 790 14.30 30.93 19.82
CA GLU A 790 14.04 30.68 21.23
C GLU A 790 15.31 30.29 21.97
N LEU A 791 16.30 29.72 21.26
CA LEU A 791 17.55 29.36 21.92
C LEU A 791 18.43 30.59 22.11
N VAL A 792 18.62 31.39 21.06
CA VAL A 792 19.46 32.58 21.16
C VAL A 792 18.87 33.57 22.15
N GLN A 793 17.54 33.73 22.13
CA GLN A 793 16.91 34.65 23.08
C GLN A 793 17.09 34.16 24.52
N TRP A 794 17.13 32.85 24.73
CA TRP A 794 17.44 32.34 26.05
C TRP A 794 18.88 32.64 26.44
N ILE A 795 19.82 32.42 25.51
CA ILE A 795 21.24 32.65 25.80
C ILE A 795 21.48 34.12 26.11
N ASN A 796 20.86 35.01 25.33
CA ASN A 796 21.04 36.44 25.58
C ASN A 796 20.43 36.85 26.92
N ASP A 797 19.26 36.31 27.26
CA ASP A 797 18.63 36.64 28.52
C ASP A 797 19.41 36.04 29.70
N LYS A 798 19.91 34.82 29.55
CA LYS A 798 20.69 34.22 30.63
C LYS A 798 22.02 34.95 30.82
N GLN A 799 22.67 35.33 29.72
CA GLN A 799 23.91 36.09 29.83
C GLN A 799 23.68 37.45 30.47
N ALA A 800 22.61 38.14 30.06
CA ALA A 800 22.28 39.42 30.68
C ALA A 800 22.01 39.27 32.16
N SER A 801 21.47 38.12 32.57
CA SER A 801 21.25 37.86 33.99
C SER A 801 22.57 37.58 34.69
N LEU A 802 23.46 36.80 34.06
CA LEU A 802 24.73 36.46 34.69
C LEU A 802 25.64 37.68 34.82
N GLU A 803 25.49 38.66 33.94
CA GLU A 803 26.30 39.87 34.02
C GLU A 803 25.90 40.76 35.19
N SER A 804 24.75 40.51 35.82
CA SER A 804 24.34 41.30 36.97
C SER A 804 25.30 41.10 38.13
N ARG A 805 25.55 42.18 38.87
CA ARG A 805 26.42 42.13 40.04
C ARG A 805 25.68 42.53 41.32
N ASP A 806 24.34 42.56 41.30
CA ASP A 806 23.55 42.80 42.50
C ASP A 806 23.32 41.47 43.20
N PHE A 807 24.33 41.05 43.97
CA PHE A 807 24.31 39.78 44.67
C PHE A 807 23.78 39.90 46.10
N GLY A 808 23.11 41.01 46.42
CA GLY A 808 22.66 41.25 47.78
C GLY A 808 23.82 41.63 48.69
N ASP A 809 23.47 41.95 49.93
CA ASP A 809 24.48 42.32 50.92
C ASP A 809 24.41 41.41 52.12
N SER A 810 24.56 40.11 51.90
CA SER A 810 24.50 39.12 52.98
C SER A 810 25.27 37.89 52.54
N ILE A 811 25.72 37.12 53.53
CA ILE A 811 26.37 35.84 53.25
C ILE A 811 25.35 34.84 52.70
N GLU A 812 24.14 34.83 53.26
CA GLU A 812 23.09 33.94 52.76
C GLU A 812 22.57 34.41 51.40
N SER A 813 22.68 35.71 51.10
CA SER A 813 22.25 36.22 49.82
C SER A 813 23.20 35.81 48.69
N VAL A 814 24.51 35.82 48.96
CA VAL A 814 25.47 35.49 47.93
C VAL A 814 25.50 33.99 47.68
N GLN A 815 25.46 33.18 48.74
CA GLN A 815 25.50 31.73 48.57
C GLN A 815 24.24 31.20 47.90
N SER A 816 23.12 31.91 47.99
CA SER A 816 21.91 31.48 47.29
C SER A 816 22.08 31.58 45.78
N PHE A 817 22.71 32.66 45.31
CA PHE A 817 22.99 32.79 43.89
C PHE A 817 24.03 31.78 43.42
N MET A 818 24.88 31.29 44.32
CA MET A 818 25.77 30.18 43.98
C MET A 818 24.98 28.90 43.79
N ASN A 819 24.04 28.63 44.69
CA ASN A 819 23.18 27.45 44.54
C ASN A 819 22.30 27.57 43.31
N ALA A 820 21.89 28.79 42.94
CA ALA A 820 21.15 28.99 41.70
C ALA A 820 22.05 28.79 40.49
N HIS A 821 23.31 29.22 40.58
CA HIS A 821 24.24 29.05 39.48
C HIS A 821 24.62 27.58 39.30
N LYS A 822 24.74 26.83 40.41
CA LYS A 822 25.07 25.41 40.29
C LYS A 822 23.86 24.61 39.82
N GLU A 823 22.66 24.98 40.28
CA GLU A 823 21.45 24.32 39.79
C GLU A 823 21.19 24.67 38.33
N TYR A 824 21.60 25.86 37.90
CA TYR A 824 21.50 26.22 36.49
C TYR A 824 22.39 25.33 35.64
N LYS A 825 23.65 25.16 36.03
CA LYS A 825 24.58 24.36 35.26
C LYS A 825 24.26 22.87 35.32
N LYS A 826 23.44 22.43 36.28
CA LYS A 826 23.11 21.02 36.38
C LYS A 826 21.80 20.67 35.68
N THR A 827 20.81 21.55 35.74
CA THR A 827 19.46 21.27 35.26
C THR A 827 19.07 22.09 34.04
N GLU A 828 19.43 23.37 33.99
CA GLU A 828 19.00 24.27 32.93
C GLU A 828 19.99 24.36 31.76
N LYS A 829 21.29 24.31 32.05
CA LYS A 829 22.28 24.48 30.98
C LYS A 829 22.38 23.25 30.08
N PRO A 830 22.47 22.02 30.58
CA PRO A 830 22.66 20.86 29.68
C PRO A 830 21.56 20.74 28.64
N PRO A 831 20.27 20.91 28.98
CA PRO A 831 19.25 20.82 27.92
C PRO A 831 19.44 21.84 26.81
N LYS A 832 19.93 23.05 27.13
CA LYS A 832 20.19 24.04 26.10
C LYS A 832 21.42 23.65 25.27
N GLY A 833 22.44 23.08 25.92
CA GLY A 833 23.60 22.62 25.18
C GLY A 833 23.27 21.56 24.15
N GLN A 834 22.34 20.67 24.49
CA GLN A 834 21.90 19.66 23.52
C GLN A 834 21.17 20.32 22.36
N GLU A 835 20.39 21.37 22.64
CA GLU A 835 19.71 22.08 21.57
C GLU A 835 20.71 22.71 20.59
N VAL A 836 21.86 23.18 21.10
CA VAL A 836 22.89 23.74 20.22
C VAL A 836 23.37 22.70 19.23
N SER A 837 23.54 21.46 19.69
CA SER A 837 24.07 20.42 18.81
C SER A 837 23.01 19.96 17.81
N GLU A 838 21.79 19.72 18.28
CA GLU A 838 20.75 19.21 17.38
C GLU A 838 20.33 20.24 16.35
N LEU A 839 20.37 21.53 16.69
CA LEU A 839 20.06 22.55 15.70
C LEU A 839 21.16 22.62 14.63
N GLU A 840 22.42 22.51 15.03
CA GLU A 840 23.50 22.49 14.05
C GLU A 840 23.38 21.28 13.14
N ALA A 841 22.95 20.14 13.68
CA ALA A 841 22.72 18.96 12.85
C ALA A 841 21.58 19.17 11.88
N ILE A 842 20.50 19.80 12.34
CA ILE A 842 19.37 20.11 11.47
C ILE A 842 19.80 21.08 10.36
N TYR A 843 20.57 22.11 10.72
CA TYR A 843 20.97 23.11 9.73
C TYR A 843 21.84 22.50 8.64
N ASN A 844 22.80 21.66 9.03
CA ASN A 844 23.67 21.03 8.05
C ASN A 844 22.88 20.08 7.15
N SER A 845 21.95 19.32 7.73
CA SER A 845 21.06 18.51 6.93
C SER A 845 20.21 19.37 6.01
N LEU A 846 19.68 20.47 6.54
CA LEU A 846 18.84 21.38 5.77
C LEU A 846 19.61 22.10 4.68
N GLN A 847 20.94 22.20 4.82
CA GLN A 847 21.77 22.93 3.87
C GLN A 847 22.18 22.09 2.66
N THR A 848 22.35 20.78 2.83
CA THR A 848 22.74 19.92 1.72
C THR A 848 21.56 19.66 0.79
N LYS A 849 20.43 19.22 1.36
CA LYS A 849 19.22 18.98 0.57
C LYS A 849 18.70 20.29 -0.04
N ALA A 860 18.92 32.21 6.25
CA ALA A 860 19.64 32.10 7.52
C ALA A 860 19.82 33.48 8.15
N PRO A 861 18.84 33.91 8.94
CA PRO A 861 18.94 35.24 9.56
C PRO A 861 20.17 35.35 10.46
N ALA A 862 20.67 36.57 10.57
CA ALA A 862 21.90 36.81 11.34
C ALA A 862 21.72 36.37 12.78
N GLY A 863 22.65 35.54 13.25
CA GLY A 863 22.61 34.98 14.59
C GLY A 863 22.07 33.57 14.68
N LEU A 864 21.50 33.05 13.59
CA LEU A 864 20.86 31.75 13.60
C LEU A 864 21.64 30.67 12.85
N THR A 865 22.82 30.99 12.34
CA THR A 865 23.65 29.96 11.74
C THR A 865 24.45 29.25 12.84
N PRO A 866 24.82 27.98 12.62
CA PRO A 866 25.55 27.24 13.67
C PRO A 866 26.82 27.92 14.13
N ASN A 867 27.51 28.63 13.25
CA ASN A 867 28.76 29.29 13.63
C ASN A 867 28.51 30.49 14.54
N GLU A 868 27.40 31.21 14.33
CA GLU A 868 27.08 32.32 15.22
C GLU A 868 26.54 31.84 16.56
N ILE A 869 25.74 30.76 16.54
CA ILE A 869 25.24 30.20 17.79
C ILE A 869 26.39 29.64 18.61
N ASP A 870 27.41 29.09 17.95
CA ASP A 870 28.56 28.55 18.68
C ASP A 870 29.35 29.65 19.36
N SER A 871 29.45 30.83 18.73
CA SER A 871 30.15 31.95 19.35
C SER A 871 29.30 32.59 20.45
N THR A 872 28.00 32.71 20.23
CA THR A 872 27.12 33.24 21.28
C THR A 872 27.12 32.34 22.50
N TRP A 873 27.14 31.02 22.30
CA TRP A 873 27.23 30.09 23.42
C TRP A 873 28.55 30.22 24.16
N SER A 874 29.64 30.52 23.44
CA SER A 874 30.93 30.70 24.09
C SER A 874 30.95 31.97 24.93
N ALA A 875 30.29 33.02 24.46
CA ALA A 875 30.15 34.23 25.26
C ALA A 875 29.31 33.97 26.50
N LEU A 876 28.37 33.02 26.42
CA LEU A 876 27.59 32.64 27.61
C LEU A 876 28.47 31.94 28.63
N GLU A 877 29.35 31.03 28.18
CA GLU A 877 30.25 30.35 29.09
C GLU A 877 31.27 31.30 29.69
N LYS A 878 31.69 32.33 28.94
CA LYS A 878 32.54 33.35 29.51
C LYS A 878 31.77 34.21 30.52
N ALA A 879 30.47 34.40 30.29
CA ALA A 879 29.65 35.10 31.29
C ALA A 879 29.49 34.25 32.55
N GLU A 880 29.36 32.93 32.38
CA GLU A 880 29.35 32.03 33.55
C GLU A 880 30.69 32.06 34.28
N GLN A 881 31.78 32.29 33.55
CA GLN A 881 33.10 32.34 34.17
C GLN A 881 33.22 33.49 35.15
N GLU A 882 32.91 34.71 34.68
CA GLU A 882 33.04 35.89 35.54
C GLU A 882 31.96 35.92 36.61
N HIS A 883 30.80 35.32 36.34
CA HIS A 883 29.72 35.31 37.32
C HIS A 883 30.10 34.53 38.56
N ALA A 884 30.65 33.32 38.37
CA ALA A 884 31.03 32.50 39.51
C ALA A 884 32.23 33.09 40.25
N GLU A 885 33.16 33.73 39.53
CA GLU A 885 34.29 34.37 40.20
C GLU A 885 33.85 35.61 40.97
N ALA A 886 32.92 36.38 40.41
CA ALA A 886 32.40 37.54 41.11
C ALA A 886 31.67 37.14 42.38
N LEU A 887 30.93 36.03 42.34
CA LEU A 887 30.25 35.54 43.53
C LEU A 887 31.24 35.15 44.62
N ARG A 888 32.34 34.51 44.22
CA ARG A 888 33.37 34.14 45.19
C ARG A 888 34.09 35.36 45.76
N ILE A 889 34.30 36.39 44.94
CA ILE A 889 34.85 37.64 45.46
C ILE A 889 33.88 38.27 46.46
N GLU A 890 32.59 38.22 46.15
CA GLU A 890 31.60 38.84 47.03
C GLU A 890 31.40 38.01 48.30
N LEU A 891 31.42 36.68 48.18
CA LEU A 891 31.30 35.84 49.36
C LEU A 891 32.45 36.06 50.32
N LYS A 892 33.67 36.21 49.78
CA LYS A 892 34.80 36.55 50.63
C LYS A 892 34.65 37.96 51.23
N ARG A 893 34.04 38.88 50.47
CA ARG A 893 33.80 40.22 50.98
C ARG A 893 32.72 40.22 52.05
N GLN A 894 31.66 39.44 51.86
CA GLN A 894 30.59 39.37 52.85
C GLN A 894 31.06 38.74 54.15
N LYS A 895 32.03 37.81 54.08
CA LYS A 895 32.52 37.15 55.28
C LYS A 895 33.48 38.04 56.06
N LYS A 896 34.34 38.78 55.36
CA LYS A 896 35.23 39.70 56.06
C LYS A 896 34.45 40.79 56.77
N ILE A 897 33.35 41.25 56.16
CA ILE A 897 32.51 42.25 56.81
C ILE A 897 31.88 41.69 58.08
N ALA A 898 31.30 40.50 57.97
CA ALA A 898 30.63 39.91 59.13
C ALA A 898 31.60 39.66 60.27
N VAL A 899 32.83 39.23 59.95
CA VAL A 899 33.83 39.00 60.98
C VAL A 899 34.28 40.33 61.59
N LEU A 900 34.44 41.36 60.76
CA LEU A 900 34.82 42.67 61.29
C LEU A 900 33.69 43.29 62.11
N LEU A 901 32.44 43.16 61.65
CA LEU A 901 31.31 43.68 62.40
C LEU A 901 31.15 42.97 63.74
N GLN A 902 31.38 41.65 63.77
CA GLN A 902 31.34 40.92 65.02
C GLN A 902 32.48 41.34 65.94
N LYS A 903 33.67 41.55 65.38
CA LYS A 903 34.80 41.96 66.20
C LYS A 903 34.69 43.42 66.62
N TYR A 904 34.05 44.25 65.78
CA TYR A 904 33.84 45.65 66.14
C TYR A 904 32.87 45.77 67.31
N ASN A 905 31.71 45.10 67.21
CA ASN A 905 30.75 45.09 68.31
C ASN A 905 31.27 44.35 69.53
N ARG A 906 32.28 43.50 69.36
CA ARG A 906 32.88 42.83 70.51
C ARG A 906 33.67 43.80 71.37
N ILE A 907 34.44 44.68 70.74
CA ILE A 907 35.27 45.62 71.50
C ILE A 907 34.39 46.62 72.25
N LEU A 908 33.30 47.07 71.63
CA LEU A 908 32.42 48.02 72.31
C LEU A 908 31.72 47.39 73.50
N LYS A 909 31.18 46.17 73.33
CA LYS A 909 30.55 45.47 74.45
C LYS A 909 31.54 45.22 75.58
N LYS A 910 32.81 45.01 75.25
CA LYS A 910 33.83 44.88 76.29
C LYS A 910 34.04 46.20 77.00
N LEU A 911 33.99 47.32 76.27
CA LEU A 911 34.13 48.62 76.90
C LEU A 911 32.86 49.06 77.62
N GLU A 912 31.69 48.60 77.15
CA GLU A 912 30.43 48.96 77.81
C GLU A 912 30.36 48.37 79.21
N ASN A 913 30.62 47.06 79.33
CA ASN A 913 30.59 46.44 80.65
C ASN A 913 31.74 46.93 81.52
N TRP A 914 32.87 47.31 80.90
CA TRP A 914 33.97 47.85 81.68
C TRP A 914 33.65 49.25 82.20
N ALA A 915 33.02 50.08 81.36
CA ALA A 915 32.64 51.42 81.79
C ALA A 915 31.55 51.38 82.85
N THR A 916 30.66 50.37 82.81
CA THR A 916 29.55 50.30 83.75
C THR A 916 29.99 49.73 85.09
N THR A 917 30.72 48.61 85.07
CA THR A 917 31.07 47.94 86.33
C THR A 917 32.03 48.78 87.16
N LYS A 918 33.02 49.41 86.52
CA LYS A 918 33.98 50.21 87.27
C LYS A 918 33.34 51.48 87.83
N SER A 919 32.37 52.05 87.10
CA SER A 919 31.65 53.20 87.62
C SER A 919 30.83 52.84 88.86
N VAL A 920 30.42 51.58 88.97
CA VAL A 920 29.71 51.13 90.16
C VAL A 920 30.63 51.11 91.37
N TYR A 921 31.88 50.66 91.18
CA TYR A 921 32.83 50.67 92.28
C TYR A 921 33.18 52.09 92.69
N LEU A 922 33.40 52.98 91.72
CA LEU A 922 33.73 54.36 92.04
C LEU A 922 32.57 55.06 92.76
N GLY A 923 31.34 54.66 92.46
CA GLY A 923 30.18 55.28 93.09
C GLY A 923 30.10 55.07 94.59
N SER A 924 30.83 54.10 95.13
CA SER A 924 30.85 53.91 96.58
C SER A 924 31.70 54.97 97.26
N ASN A 925 32.77 55.44 96.59
CA ASN A 925 33.65 56.48 97.11
C ASN A 925 34.27 56.08 98.45
N GLU A 926 34.71 54.83 98.53
CA GLU A 926 35.37 54.32 99.73
C GLU A 926 36.69 55.05 99.94
N THR A 927 36.75 55.88 100.98
CA THR A 927 38.00 56.55 101.31
C THR A 927 38.86 55.74 102.26
N GLY A 928 38.25 55.17 103.30
CA GLY A 928 38.96 54.39 104.29
C GLY A 928 38.75 54.93 105.68
N ASP A 929 39.44 54.30 106.64
CA ASP A 929 39.36 54.70 108.04
C ASP A 929 40.68 55.16 108.62
N SER A 930 41.80 54.97 107.91
CA SER A 930 43.11 55.40 108.38
C SER A 930 43.83 56.12 107.25
N ILE A 931 44.94 56.78 107.59
CA ILE A 931 45.69 57.54 106.61
C ILE A 931 46.31 56.62 105.56
N THR A 932 46.85 55.48 106.00
CA THR A 932 47.45 54.54 105.06
C THR A 932 46.39 53.86 104.20
N ALA A 933 45.18 53.66 104.72
CA ALA A 933 44.12 53.05 103.93
C ALA A 933 43.64 53.98 102.82
N VAL A 934 43.67 55.30 103.05
CA VAL A 934 43.30 56.26 102.01
C VAL A 934 44.34 56.25 100.90
N GLN A 935 45.63 56.21 101.26
CA GLN A 935 46.69 56.10 100.26
C GLN A 935 46.67 54.75 99.58
N ALA A 936 46.17 53.72 100.26
CA ALA A 936 45.96 52.42 99.60
C ALA A 936 44.87 52.52 98.54
N LYS A 937 43.84 53.32 98.81
CA LYS A 937 42.82 53.58 97.78
C LYS A 937 43.41 54.36 96.61
N LEU A 938 44.37 55.26 96.88
CA LEU A 938 45.03 55.98 95.80
C LEU A 938 45.90 55.05 94.96
N LYS A 939 46.41 53.96 95.55
CA LYS A 939 47.24 53.02 94.82
C LYS A 939 46.44 52.31 93.73
N ASN A 940 45.24 51.83 94.07
CA ASN A 940 44.40 51.20 93.06
C ASN A 940 43.81 52.21 92.09
N LEU A 941 43.66 53.47 92.50
CA LEU A 941 43.05 54.47 91.64
C LEU A 941 43.98 54.85 90.49
N GLU A 942 45.27 55.03 90.78
CA GLU A 942 46.25 55.34 89.74
C GLU A 942 46.52 54.11 88.88
N ALA A 943 46.47 52.91 89.47
CA ALA A 943 46.47 51.71 88.66
C ALA A 943 45.28 51.71 87.71
N PHE A 944 44.12 52.13 88.21
CA PHE A 944 42.94 52.27 87.36
C PHE A 944 43.14 53.37 86.31
N ASP A 945 43.79 54.46 86.70
CA ASP A 945 44.03 55.56 85.76
C ASP A 945 44.97 55.13 84.64
N GLY A 946 46.12 54.54 85.01
CA GLY A 946 47.04 54.07 84.00
C GLY A 946 46.49 52.91 83.18
N GLU A 947 45.61 52.10 83.79
CA GLU A 947 45.00 51.00 83.05
C GLU A 947 44.00 51.50 82.02
N CYS A 948 43.30 52.60 82.33
CA CYS A 948 42.38 53.17 81.33
C CYS A 948 43.14 53.75 80.16
N GLN A 949 44.28 54.41 80.42
CA GLN A 949 45.06 55.00 79.34
C GLN A 949 45.55 53.95 78.36
N SER A 950 45.88 52.75 78.86
CA SER A 950 46.26 51.65 77.99
C SER A 950 45.05 51.03 77.29
N LEU A 951 43.96 50.83 78.02
CA LEU A 951 42.77 50.23 77.44
C LEU A 951 42.10 51.17 76.45
N GLU A 952 42.23 52.49 76.65
CA GLU A 952 41.63 53.45 75.74
C GLU A 952 42.36 53.46 74.39
N GLY A 953 43.68 53.58 74.41
CA GLY A 953 44.44 53.62 73.18
C GLY A 953 44.45 52.29 72.44
N GLN A 954 44.42 51.18 73.18
CA GLN A 954 44.40 49.86 72.54
C GLN A 954 43.09 49.63 71.79
N SER A 955 41.97 49.96 72.43
CA SER A 955 40.68 49.77 71.77
C SER A 955 40.47 50.75 70.64
N ASN A 956 40.83 52.03 70.86
CA ASN A 956 40.65 53.03 69.82
C ASN A 956 41.50 52.71 68.59
N SER A 957 42.69 52.16 68.80
CA SER A 957 43.52 51.78 67.66
C SER A 957 42.92 50.60 66.90
N ASP A 958 42.35 49.63 67.64
CA ASP A 958 41.72 48.48 66.98
C ASP A 958 40.40 48.87 66.35
N LEU A 959 39.68 49.83 66.93
CA LEU A 959 38.40 50.26 66.35
C LEU A 959 38.62 51.10 65.10
N LEU A 960 39.67 51.95 65.10
CA LEU A 960 40.02 52.69 63.89
C LEU A 960 40.48 51.75 62.78
N SER A 961 41.19 50.68 63.14
CA SER A 961 41.64 49.72 62.14
C SER A 961 40.45 49.01 61.48
N ILE A 962 39.49 48.55 62.27
CA ILE A 962 38.32 47.88 61.71
C ILE A 962 37.56 48.83 60.79
N LEU A 963 37.43 50.10 61.19
CA LEU A 963 36.78 51.09 60.33
C LEU A 963 37.57 51.30 59.04
N ALA A 964 38.90 51.27 59.12
CA ALA A 964 39.72 51.44 57.93
C ALA A 964 39.58 50.24 56.99
N GLN A 965 39.45 49.04 57.56
CA GLN A 965 39.32 47.84 56.73
C GLN A 965 37.95 47.78 56.07
N LEU A 966 36.89 48.18 56.80
CA LEU A 966 35.56 48.22 56.22
C LEU A 966 35.43 49.26 55.13
N THR A 967 36.27 50.31 55.15
CA THR A 967 36.27 51.28 54.06
C THR A 967 36.89 50.69 52.80
N GLU A 968 37.89 49.80 52.96
CA GLU A 968 38.47 49.14 51.79
C GLU A 968 37.45 48.27 51.09
N LEU A 969 36.57 47.62 51.85
CA LEU A 969 35.54 46.75 51.30
C LEU A 969 34.28 47.52 50.87
N ASN A 970 34.33 48.85 50.90
CA ASN A 970 33.20 49.72 50.50
C ASN A 970 31.93 49.34 51.27
N TYR A 971 32.04 49.35 52.59
CA TYR A 971 30.89 49.04 53.44
C TYR A 971 30.00 50.27 53.58
N ASN A 972 28.69 50.04 53.58
CA ASN A 972 27.73 51.12 53.57
C ASN A 972 27.65 51.82 54.92
N GLY A 973 27.54 51.05 56.00
CA GLY A 973 27.31 51.61 57.31
C GLY A 973 28.56 51.97 58.10
N VAL A 974 29.58 52.49 57.43
CA VAL A 974 30.81 52.91 58.09
C VAL A 974 30.59 54.21 58.86
N PRO A 975 29.93 55.23 58.30
CA PRO A 975 29.67 56.44 59.10
C PRO A 975 28.82 56.19 60.32
N GLU A 976 27.96 55.17 60.29
CA GLU A 976 27.16 54.85 61.48
C GLU A 976 28.04 54.23 62.57
N LEU A 977 28.94 53.32 62.18
CA LEU A 977 29.83 52.71 63.14
C LEU A 977 30.77 53.75 63.77
N THR A 978 31.24 54.70 62.96
CA THR A 978 32.12 55.75 63.48
C THR A 978 31.39 56.63 64.48
N GLU A 979 30.12 56.94 64.21
CA GLU A 979 29.32 57.71 65.16
C GLU A 979 29.09 56.94 66.45
N ARG A 980 28.86 55.62 66.35
CA ARG A 980 28.64 54.81 67.53
C ARG A 980 29.87 54.79 68.44
N LYS A 981 31.07 54.88 67.85
CA LYS A 981 32.28 54.95 68.67
C LYS A 981 32.49 56.34 69.25
N ASP A 982 32.20 57.39 68.47
CA ASP A 982 32.35 58.75 68.99
C ASP A 982 31.33 59.03 70.08
N THR A 983 30.14 58.45 69.99
CA THR A 983 29.15 58.60 71.04
C THR A 983 29.59 57.93 72.34
N PHE A 984 30.18 56.73 72.23
CA PHE A 984 30.57 56.01 73.44
C PHE A 984 31.66 56.76 74.20
N PHE A 985 32.68 57.26 73.50
CA PHE A 985 33.76 57.97 74.18
C PHE A 985 33.27 59.27 74.79
N ALA A 986 32.37 59.98 74.10
CA ALA A 986 31.90 61.26 74.61
C ALA A 986 30.89 61.12 75.73
N GLN A 987 30.15 60.01 75.77
CA GLN A 987 29.12 59.81 76.79
C GLN A 987 29.60 58.87 77.89
N GLN A 988 29.74 57.58 77.55
CA GLN A 988 30.02 56.58 78.58
C GLN A 988 31.45 56.70 79.11
N TRP A 989 32.44 56.71 78.20
CA TRP A 989 33.83 56.58 78.63
C TRP A 989 34.33 57.82 79.35
N THR A 990 33.99 59.02 78.85
CA THR A 990 34.39 60.24 79.56
C THR A 990 33.66 60.38 80.89
N GLY A 991 32.47 59.80 81.01
CA GLY A 991 31.80 59.76 82.30
C GLY A 991 32.56 58.94 83.31
N VAL A 992 33.20 57.85 82.87
CA VAL A 992 34.01 57.04 83.78
C VAL A 992 35.27 57.80 84.16
N LYS A 993 35.91 58.45 83.19
CA LYS A 993 37.09 59.26 83.49
C LYS A 993 36.73 60.46 84.36
N SER A 994 35.51 60.99 84.20
CA SER A 994 35.07 62.08 85.06
C SER A 994 34.74 61.60 86.47
N SER A 995 34.16 60.40 86.58
CA SER A 995 33.90 59.82 87.89
C SER A 995 35.18 59.35 88.58
N ALA A 996 36.26 59.16 87.83
CA ALA A 996 37.52 58.73 88.42
C ALA A 996 38.23 59.89 89.13
N GLU A 997 38.12 61.10 88.58
CA GLU A 997 38.75 62.25 89.24
C GLU A 997 37.93 62.74 90.42
N THR A 998 36.60 62.67 90.31
CA THR A 998 35.75 62.97 91.46
C THR A 998 36.10 62.07 92.64
N TYR A 999 36.38 60.80 92.38
CA TYR A 999 36.85 59.90 93.43
C TYR A 999 38.19 60.37 93.98
N LYS A 1000 39.09 60.81 93.10
CA LYS A 1000 40.40 61.28 93.55
C LYS A 1000 40.28 62.51 94.44
N ASN A 1001 39.41 63.46 94.06
CA ASN A 1001 39.15 64.61 94.92
C ASN A 1001 38.53 64.19 96.24
N THR A 1002 37.68 63.17 96.22
CA THR A 1002 37.14 62.63 97.46
C THR A 1002 38.25 62.02 98.31
N LEU A 1003 39.19 61.31 97.68
CA LEU A 1003 40.31 60.74 98.42
C LEU A 1003 41.28 61.79 98.94
N LEU A 1004 41.21 63.02 98.43
CA LEU A 1004 42.06 64.09 98.92
C LEU A 1004 41.41 64.87 100.05
N ALA A 1005 40.09 65.08 99.99
CA ALA A 1005 39.39 65.77 101.08
C ALA A 1005 39.48 64.99 102.39
N GLU A 1006 39.51 63.66 102.31
CA GLU A 1006 39.64 62.85 103.51
C GLU A 1006 41.10 62.74 103.95
N LEU A 1007 42.03 62.71 102.99
CA LEU A 1007 43.45 62.61 103.34
C LEU A 1007 43.94 63.86 104.07
N GLU A 1008 43.27 64.99 103.86
CA GLU A 1008 43.62 66.21 104.58
C GLU A 1008 43.18 66.14 106.03
N ARG A 1009 41.88 65.88 106.26
CA ARG A 1009 41.36 65.88 107.62
C ARG A 1009 41.92 64.74 108.45
N LEU A 1010 42.28 63.62 107.82
CA LEU A 1010 42.86 62.52 108.58
C LEU A 1010 44.26 62.86 109.08
N GLN A 1011 45.01 63.67 108.33
CA GLN A 1011 46.30 64.15 108.80
C GLN A 1011 46.17 65.29 109.81
N LYS A 1012 45.04 66.01 109.80
CA LYS A 1012 44.80 67.02 110.82
C LYS A 1012 44.56 66.39 112.19
N ILE A 1013 43.90 65.23 112.23
CA ILE A 1013 43.64 64.56 113.49
C ILE A 1013 44.94 64.07 114.13
N GLU A 1014 45.90 63.64 113.30
CA GLU A 1014 47.16 63.14 113.83
C GLU A 1014 48.00 64.24 114.46
N ASP A 1015 47.94 65.45 113.91
CA ASP A 1015 48.81 66.53 114.40
C ASP A 1015 48.49 66.92 115.84
N ALA A 1016 47.25 66.69 116.28
CA ALA A 1016 46.87 67.01 117.66
C ALA A 1016 47.46 66.00 118.63
#